data_4LT6
#
_entry.id   4LT6
#
_cell.length_a   68.870
_cell.length_b   89.920
_cell.length_c   201.630
_cell.angle_alpha   90.00
_cell.angle_beta   90.00
_cell.angle_gamma   90.00
#
_symmetry.space_group_name_H-M   'P 21 21 21'
#
loop_
_entity.id
_entity.type
_entity.pdbx_description
1 polymer 'Poly(A) polymerase gamma'
2 non-polymer "3'-DEOXYADENOSINE-5'-TRIPHOSPHATE"
3 non-polymer 'CALCIUM ION'
4 water water
#
_entity_poly.entity_id   1
_entity_poly.type   'polypeptide(L)'
_entity_poly.pdbx_seq_one_letter_code
;HHHHHHMKEMSANTVLDSQRQQKHYGITSPISLASPKEIDHIYTQKLIDAMKPFGVFEDEEELNHRLVVLGKLNNLVKEW
ISDVSESKNLPPSVVATVGGKIFTFGSYRLGVHTKGADIDALCVAPRHVERSDFFQSFFEKLKHQDGIRNLRAVEDAFVP
VIKFEFDGIEIDLVFARLAIQTISDNLDLRDDSRLRSLDIRCIRSLNGCRVTDEILHLVPNKETFRLTLRAVKLWAKRRG
IYSNMLGFLGGVSWAMLVARTCQLYPNAAASTLVHKFFLVFSKWEWPNPVLLKQPEESNLNLPVWDPRVNPSDRYHLMPI
ITPAYPQQNSTYNVSTSTRTVMVEEFKQGLAVTDEILQGKSDWSKLLEPPNFFQKYRHYIVLTASASTEENHLEWVGLVE
SKIRVLVGNLERNEFITLAHVNPQSFPGNKEHHKDNNYVSMWFLGIIFRRVENAESVNIDLTYDIQSFTDTVYRQANNIN
MLKEGMKIEATHVKKKQLHHYLPAEILQKKKKQS
;
_entity_poly.pdbx_strand_id   A,B
#
# COMPACT_ATOMS: atom_id res chain seq x y z
N LYS A 23 0.62 -32.10 -1.29
CA LYS A 23 1.52 -31.47 -0.31
C LYS A 23 1.31 -29.95 -0.14
N HIS A 24 1.86 -29.14 -1.05
CA HIS A 24 1.51 -27.72 -1.17
C HIS A 24 0.31 -27.64 -2.11
N TYR A 25 0.03 -26.49 -2.70
CA TYR A 25 -1.16 -26.39 -3.55
C TYR A 25 -1.05 -26.43 -5.09
N GLY A 26 -0.42 -25.43 -5.72
CA GLY A 26 -0.46 -25.35 -7.17
C GLY A 26 0.31 -26.41 -7.96
N ILE A 27 0.51 -26.17 -9.26
CA ILE A 27 1.33 -27.07 -10.07
C ILE A 27 2.81 -26.95 -9.76
N THR A 28 3.20 -25.90 -9.06
CA THR A 28 4.61 -25.71 -8.77
C THR A 28 4.76 -25.63 -7.28
N SER A 29 5.94 -25.94 -6.77
CA SER A 29 6.18 -25.74 -5.37
C SER A 29 6.24 -24.23 -5.22
N PRO A 30 5.86 -23.72 -4.05
CA PRO A 30 5.74 -22.27 -3.87
C PRO A 30 7.06 -21.50 -3.85
N ILE A 31 6.96 -20.20 -4.09
CA ILE A 31 8.11 -19.31 -4.16
C ILE A 31 8.73 -19.06 -2.78
N SER A 32 7.90 -18.95 -1.75
CA SER A 32 8.40 -18.63 -0.41
C SER A 32 7.40 -18.96 0.67
N LEU A 33 7.89 -19.43 1.80
CA LEU A 33 7.02 -19.75 2.92
C LEU A 33 7.03 -18.70 4.02
N ALA A 34 7.53 -17.51 3.68
CA ALA A 34 7.65 -16.41 4.64
C ALA A 34 6.32 -16.01 5.28
N SER A 35 6.31 -15.90 6.61
CA SER A 35 5.14 -15.48 7.36
C SER A 35 5.28 -14.01 7.80
N PRO A 36 4.17 -13.31 8.03
CA PRO A 36 4.23 -11.87 8.33
C PRO A 36 4.69 -11.51 9.75
N LYS A 37 5.25 -10.32 9.89
CA LYS A 37 5.64 -9.77 11.20
C LYS A 37 4.69 -8.64 11.57
N GLU A 38 4.91 -8.01 12.72
CA GLU A 38 3.98 -7.00 13.23
C GLU A 38 3.61 -5.91 12.20
N ILE A 39 4.56 -5.51 11.37
CA ILE A 39 4.28 -4.37 10.52
C ILE A 39 3.44 -4.78 9.32
N ASP A 40 3.66 -6.00 8.83
CA ASP A 40 2.82 -6.55 7.78
C ASP A 40 1.37 -6.57 8.25
N HIS A 41 1.12 -6.84 9.53
CA HIS A 41 -0.23 -6.74 10.02
C HIS A 41 -0.67 -5.29 10.00
N ILE A 42 0.25 -4.37 10.20
CA ILE A 42 -0.12 -2.97 10.18
C ILE A 42 -0.54 -2.53 8.77
N TYR A 43 0.21 -2.99 7.77
CA TYR A 43 -0.08 -2.68 6.37
C TYR A 43 -1.40 -3.29 5.90
N THR A 44 -1.72 -4.47 6.41
CA THR A 44 -2.98 -5.09 6.10
C THR A 44 -4.12 -4.26 6.65
N GLN A 45 -4.00 -3.80 7.90
CA GLN A 45 -5.07 -2.97 8.47
C GLN A 45 -5.27 -1.68 7.68
N LYS A 46 -4.17 -1.02 7.30
CA LYS A 46 -4.23 0.14 6.43
C LYS A 46 -4.94 -0.18 5.11
N LEU A 47 -4.72 -1.40 4.61
CA LEU A 47 -5.36 -1.84 3.36
C LEU A 47 -6.86 -1.91 3.54
N ILE A 48 -7.29 -2.56 4.61
CA ILE A 48 -8.71 -2.63 4.90
C ILE A 48 -9.28 -1.23 5.05
N ASP A 49 -8.51 -0.33 5.66
CA ASP A 49 -9.00 0.99 5.97
C ASP A 49 -9.07 1.85 4.72
N ALA A 50 -8.13 1.67 3.82
CA ALA A 50 -8.21 2.37 2.53
C ALA A 50 -9.40 1.87 1.73
N MET A 51 -9.75 0.61 1.90
CA MET A 51 -10.78 -0.03 1.08
C MET A 51 -12.22 0.30 1.49
N LYS A 52 -12.48 0.40 2.80
CA LYS A 52 -13.83 0.67 3.31
C LYS A 52 -14.59 1.80 2.60
N PRO A 53 -13.94 2.96 2.42
CA PRO A 53 -14.71 4.06 1.81
C PRO A 53 -15.24 3.79 0.40
N PHE A 54 -14.72 2.76 -0.27
CA PHE A 54 -15.12 2.48 -1.65
C PHE A 54 -16.34 1.54 -1.77
N GLY A 55 -16.87 1.12 -0.63
CA GLY A 55 -18.07 0.31 -0.62
C GLY A 55 -17.82 -1.18 -0.78
N VAL A 56 -16.57 -1.58 -0.66
CA VAL A 56 -16.21 -2.98 -0.89
C VAL A 56 -16.84 -3.98 0.08
N PHE A 57 -17.09 -3.57 1.33
CA PHE A 57 -17.58 -4.48 2.36
C PHE A 57 -19.03 -4.21 2.67
N GLU A 58 -19.85 -5.25 2.58
CA GLU A 58 -21.25 -5.10 2.85
C GLU A 58 -21.56 -5.20 4.35
N ASP A 59 -22.69 -4.62 4.75
CA ASP A 59 -23.20 -4.63 6.12
C ASP A 59 -23.86 -5.93 6.55
N GLU A 60 -23.90 -6.15 7.85
CA GLU A 60 -24.77 -7.15 8.46
C GLU A 60 -26.18 -7.11 7.84
N GLU A 61 -26.73 -5.92 7.67
CA GLU A 61 -28.07 -5.83 7.11
C GLU A 61 -28.09 -6.42 5.71
N GLU A 62 -27.29 -5.83 4.83
CA GLU A 62 -27.13 -6.30 3.46
C GLU A 62 -26.85 -7.81 3.30
N LEU A 63 -25.89 -8.36 4.05
CA LEU A 63 -25.54 -9.76 3.89
C LEU A 63 -26.76 -10.59 4.22
N ASN A 64 -27.44 -10.16 5.27
CA ASN A 64 -28.60 -10.86 5.77
C ASN A 64 -29.73 -10.81 4.76
N HIS A 65 -29.90 -9.67 4.12
CA HIS A 65 -30.94 -9.52 3.13
C HIS A 65 -30.74 -10.54 2.03
N ARG A 66 -29.51 -10.62 1.52
CA ARG A 66 -29.14 -11.63 0.53
C ARG A 66 -29.49 -13.02 1.04
N LEU A 67 -29.17 -13.27 2.31
CA LEU A 67 -29.48 -14.54 2.97
C LEU A 67 -30.98 -14.84 2.96
N VAL A 68 -31.79 -13.83 3.22
CA VAL A 68 -33.24 -14.00 3.25
C VAL A 68 -33.78 -14.24 1.86
N VAL A 69 -33.40 -13.39 0.91
CA VAL A 69 -33.79 -13.58 -0.48
C VAL A 69 -33.42 -14.95 -1.02
N LEU A 70 -32.18 -15.35 -0.83
CA LEU A 70 -31.74 -16.65 -1.32
C LEU A 70 -32.51 -17.80 -0.67
N GLY A 71 -32.91 -17.63 0.59
CA GLY A 71 -33.73 -18.62 1.26
C GLY A 71 -35.03 -18.87 0.52
N LYS A 72 -35.70 -17.78 0.11
CA LYS A 72 -36.97 -17.89 -0.61
C LYS A 72 -36.74 -18.60 -1.92
N LEU A 73 -35.78 -18.11 -2.70
CA LEU A 73 -35.49 -18.64 -4.02
C LEU A 73 -35.32 -20.15 -3.93
N ASN A 74 -34.53 -20.55 -2.96
CA ASN A 74 -34.26 -21.95 -2.74
C ASN A 74 -35.57 -22.69 -2.51
N ASN A 75 -36.36 -22.18 -1.57
CA ASN A 75 -37.68 -22.73 -1.24
C ASN A 75 -38.65 -22.76 -2.44
N LEU A 76 -38.58 -21.76 -3.30
CA LEU A 76 -39.37 -21.78 -4.53
C LEU A 76 -38.95 -22.95 -5.41
N VAL A 77 -37.64 -23.10 -5.53
CA VAL A 77 -37.05 -24.14 -6.34
C VAL A 77 -37.36 -25.52 -5.78
N LYS A 78 -37.35 -25.65 -4.46
CA LYS A 78 -37.77 -26.90 -3.85
C LYS A 78 -39.27 -27.10 -4.04
N GLU A 79 -40.01 -26.00 -4.11
CA GLU A 79 -41.46 -26.05 -4.29
C GLU A 79 -41.76 -26.47 -5.71
N TRP A 80 -41.21 -25.73 -6.66
CA TRP A 80 -41.46 -25.96 -8.07
C TRP A 80 -41.02 -27.33 -8.58
N ILE A 81 -39.93 -27.87 -8.03
CA ILE A 81 -39.45 -29.19 -8.42
C ILE A 81 -40.40 -30.27 -7.88
N SER A 82 -41.18 -29.90 -6.88
CA SER A 82 -42.21 -30.80 -6.36
C SER A 82 -43.48 -30.75 -7.22
N ASP A 83 -43.86 -29.54 -7.65
CA ASP A 83 -45.02 -29.33 -8.50
C ASP A 83 -44.89 -30.14 -9.80
N VAL A 84 -43.79 -29.91 -10.51
CA VAL A 84 -43.50 -30.62 -11.77
C VAL A 84 -43.47 -32.14 -11.55
N SER A 85 -42.98 -32.55 -10.40
CA SER A 85 -42.92 -33.97 -10.03
C SER A 85 -44.29 -34.62 -9.78
N GLU A 86 -45.36 -33.83 -9.91
CA GLU A 86 -46.72 -34.34 -9.74
C GLU A 86 -47.50 -34.27 -11.03
N SER A 87 -46.95 -33.56 -12.01
CA SER A 87 -47.48 -33.56 -13.36
C SER A 87 -47.01 -34.82 -14.07
N LYS A 88 -46.09 -35.52 -13.41
CA LYS A 88 -45.55 -36.77 -13.93
C LYS A 88 -45.96 -37.94 -13.02
N ASN A 89 -46.77 -37.64 -12.01
CA ASN A 89 -47.43 -38.66 -11.18
C ASN A 89 -46.53 -39.74 -10.57
N LEU A 90 -45.48 -39.33 -9.86
CA LEU A 90 -44.60 -40.29 -9.21
C LEU A 90 -45.19 -40.63 -7.84
N PRO A 91 -44.81 -41.79 -7.27
CA PRO A 91 -45.30 -42.19 -5.94
C PRO A 91 -45.02 -41.16 -4.86
N PRO A 92 -46.07 -40.73 -4.13
CA PRO A 92 -45.96 -39.67 -3.11
C PRO A 92 -44.90 -39.86 -2.01
N SER A 93 -44.29 -41.05 -1.92
CA SER A 93 -43.16 -41.27 -1.00
C SER A 93 -41.84 -41.04 -1.73
N VAL A 94 -41.95 -40.53 -2.95
CA VAL A 94 -40.80 -40.21 -3.81
C VAL A 94 -40.79 -38.70 -4.10
N VAL A 95 -41.96 -38.12 -4.34
CA VAL A 95 -42.07 -36.68 -4.55
C VAL A 95 -41.61 -35.94 -3.31
N ALA A 96 -41.87 -36.51 -2.14
CA ALA A 96 -41.30 -36.01 -0.89
C ALA A 96 -39.78 -36.13 -0.93
N THR A 97 -39.28 -37.26 -1.40
CA THR A 97 -37.85 -37.54 -1.49
C THR A 97 -37.14 -36.66 -2.52
N VAL A 98 -37.86 -36.28 -3.57
CA VAL A 98 -37.39 -35.34 -4.59
C VAL A 98 -36.85 -34.07 -3.94
N GLY A 99 -35.60 -33.73 -4.27
CA GLY A 99 -34.95 -32.59 -3.64
C GLY A 99 -35.07 -31.29 -4.40
N GLY A 100 -33.93 -30.71 -4.74
CA GLY A 100 -33.87 -29.43 -5.40
C GLY A 100 -33.04 -28.48 -4.57
N LYS A 101 -32.14 -27.76 -5.21
CA LYS A 101 -31.21 -26.94 -4.47
C LYS A 101 -30.74 -25.78 -5.31
N ILE A 102 -30.38 -24.69 -4.63
CA ILE A 102 -29.80 -23.53 -5.27
C ILE A 102 -28.37 -23.43 -4.80
N PHE A 103 -27.45 -23.20 -5.74
CA PHE A 103 -26.05 -22.94 -5.42
C PHE A 103 -25.70 -21.54 -5.90
N THR A 104 -24.78 -20.89 -5.23
CA THR A 104 -24.26 -19.61 -5.75
C THR A 104 -22.86 -19.79 -6.28
N PHE A 105 -22.44 -18.90 -7.15
CA PHE A 105 -21.05 -18.87 -7.61
C PHE A 105 -20.66 -17.44 -7.86
N GLY A 106 -19.47 -17.23 -8.40
CA GLY A 106 -18.99 -15.88 -8.61
C GLY A 106 -18.71 -15.12 -7.32
N SER A 107 -18.57 -13.80 -7.45
CA SER A 107 -18.37 -12.86 -6.36
C SER A 107 -18.97 -13.29 -5.02
N TYR A 108 -20.29 -13.44 -5.00
CA TYR A 108 -20.98 -13.68 -3.76
C TYR A 108 -20.49 -14.95 -3.07
N ARG A 109 -20.35 -16.03 -3.83
CA ARG A 109 -19.89 -17.29 -3.26
C ARG A 109 -18.44 -17.23 -2.83
N LEU A 110 -17.65 -16.43 -3.55
CA LEU A 110 -16.27 -16.23 -3.17
C LEU A 110 -16.20 -15.39 -1.91
N GLY A 111 -17.30 -14.71 -1.58
CA GLY A 111 -17.38 -13.91 -0.36
C GLY A 111 -16.58 -12.65 -0.46
N VAL A 112 -16.61 -12.04 -1.64
CA VAL A 112 -15.78 -10.90 -1.96
C VAL A 112 -16.56 -9.90 -2.76
N HIS A 113 -17.86 -10.14 -2.89
CA HIS A 113 -18.77 -9.25 -3.63
C HIS A 113 -18.85 -7.88 -2.94
N THR A 114 -19.23 -6.86 -3.69
CA THR A 114 -19.29 -5.50 -3.14
C THR A 114 -20.73 -5.02 -2.93
N LYS A 115 -20.86 -3.83 -2.38
CA LYS A 115 -22.17 -3.22 -2.21
C LYS A 115 -22.83 -3.16 -3.58
N GLY A 116 -24.07 -3.63 -3.68
CA GLY A 116 -24.81 -3.59 -4.94
C GLY A 116 -24.51 -4.70 -5.94
N ALA A 117 -23.91 -5.78 -5.48
CA ALA A 117 -23.46 -6.81 -6.38
C ALA A 117 -24.61 -7.73 -6.75
N ASP A 118 -24.67 -8.15 -8.01
CA ASP A 118 -25.61 -9.19 -8.36
C ASP A 118 -25.20 -10.52 -7.74
N ILE A 119 -26.10 -11.48 -7.77
CA ILE A 119 -25.80 -12.82 -7.29
C ILE A 119 -25.95 -13.84 -8.41
N ASP A 120 -24.90 -14.60 -8.68
CA ASP A 120 -24.99 -15.63 -9.71
C ASP A 120 -25.42 -16.94 -9.08
N ALA A 121 -26.56 -17.47 -9.48
CA ALA A 121 -27.04 -18.67 -8.82
C ALA A 121 -27.35 -19.81 -9.78
N LEU A 122 -27.29 -21.03 -9.26
CA LEU A 122 -27.51 -22.23 -10.05
C LEU A 122 -28.62 -23.09 -9.46
N CYS A 123 -29.59 -23.42 -10.28
CA CYS A 123 -30.68 -24.29 -9.87
C CYS A 123 -30.42 -25.72 -10.32
N VAL A 124 -30.41 -26.66 -9.38
CA VAL A 124 -30.11 -28.03 -9.72
C VAL A 124 -31.27 -28.96 -9.43
N ALA A 125 -31.79 -29.56 -10.50
CA ALA A 125 -33.00 -30.39 -10.44
C ALA A 125 -32.69 -31.85 -10.70
N PRO A 126 -33.65 -32.75 -10.38
CA PRO A 126 -33.52 -34.19 -10.69
C PRO A 126 -34.05 -34.63 -12.08
N ARG A 127 -33.87 -35.92 -12.40
CA ARG A 127 -34.26 -36.58 -13.67
C ARG A 127 -35.45 -35.97 -14.43
N HIS A 128 -36.56 -35.82 -13.74
CA HIS A 128 -37.84 -35.53 -14.36
C HIS A 128 -38.04 -34.07 -14.75
N VAL A 129 -37.02 -33.24 -14.57
CA VAL A 129 -37.18 -31.82 -14.87
C VAL A 129 -36.32 -31.46 -16.07
N GLU A 130 -36.97 -30.97 -17.12
CA GLU A 130 -36.26 -30.71 -18.36
C GLU A 130 -35.90 -29.24 -18.44
N ARG A 131 -34.80 -28.94 -19.13
CA ARG A 131 -34.40 -27.56 -19.36
C ARG A 131 -35.56 -26.74 -19.93
N SER A 132 -36.47 -27.41 -20.62
CA SER A 132 -37.66 -26.80 -21.18
C SER A 132 -38.59 -26.28 -20.09
N ASP A 133 -38.67 -27.01 -18.97
CA ASP A 133 -39.56 -26.67 -17.85
C ASP A 133 -39.17 -25.36 -17.14
N PHE A 134 -37.88 -25.24 -16.81
CA PHE A 134 -37.34 -24.06 -16.13
C PHE A 134 -37.71 -22.76 -16.86
N PHE A 135 -37.64 -22.77 -18.18
CA PHE A 135 -37.85 -21.55 -18.95
C PHE A 135 -39.31 -21.19 -19.23
N GLN A 136 -40.22 -22.15 -19.00
CA GLN A 136 -41.67 -21.85 -19.09
C GLN A 136 -42.43 -21.82 -17.75
N SER A 137 -42.44 -22.94 -17.01
CA SER A 137 -43.24 -23.03 -15.77
C SER A 137 -42.63 -22.33 -14.53
N PHE A 138 -41.39 -22.65 -14.19
CA PHE A 138 -40.69 -21.93 -13.13
C PHE A 138 -40.58 -20.46 -13.50
N PHE A 139 -40.40 -20.17 -14.78
CA PHE A 139 -40.45 -18.78 -15.22
C PHE A 139 -41.82 -18.20 -14.89
N GLU A 140 -42.87 -19.01 -14.95
CA GLU A 140 -44.18 -18.51 -14.58
C GLU A 140 -44.28 -18.35 -13.07
N LYS A 141 -43.59 -19.22 -12.34
CA LYS A 141 -43.59 -19.14 -10.88
C LYS A 141 -42.99 -17.82 -10.38
N LEU A 142 -41.87 -17.41 -10.94
CA LEU A 142 -41.22 -16.19 -10.50
C LEU A 142 -42.10 -14.98 -10.74
N LYS A 143 -42.70 -14.92 -11.94
CA LYS A 143 -43.53 -13.79 -12.34
C LYS A 143 -44.55 -13.44 -11.26
N HIS A 144 -45.04 -14.46 -10.58
CA HIS A 144 -46.08 -14.29 -9.56
C HIS A 144 -45.58 -13.91 -8.16
N GLN A 145 -44.36 -14.32 -7.80
CA GLN A 145 -43.83 -14.05 -6.46
C GLN A 145 -43.76 -12.56 -6.16
N ASP A 146 -43.93 -12.25 -4.88
CA ASP A 146 -44.10 -10.87 -4.40
C ASP A 146 -43.07 -9.86 -4.91
N GLY A 147 -41.83 -9.96 -4.46
CA GLY A 147 -40.87 -8.89 -4.75
C GLY A 147 -40.07 -8.99 -6.05
N ILE A 148 -40.51 -9.83 -6.98
CA ILE A 148 -39.74 -10.05 -8.19
C ILE A 148 -40.10 -9.07 -9.30
N ARG A 149 -39.09 -8.36 -9.79
CA ARG A 149 -39.27 -7.37 -10.84
C ARG A 149 -38.26 -7.67 -11.93
N ASN A 150 -38.45 -7.04 -13.09
CA ASN A 150 -37.49 -7.12 -14.19
C ASN A 150 -37.25 -8.55 -14.72
N LEU A 151 -38.27 -9.39 -14.66
CA LEU A 151 -38.15 -10.76 -15.15
C LEU A 151 -37.87 -10.77 -16.63
N ARG A 152 -36.98 -11.67 -17.05
CA ARG A 152 -36.64 -11.85 -18.47
C ARG A 152 -35.78 -13.10 -18.69
N ALA A 153 -36.12 -13.87 -19.71
CA ALA A 153 -35.30 -15.01 -20.10
C ALA A 153 -34.33 -14.58 -21.21
N VAL A 154 -33.16 -15.22 -21.22
CA VAL A 154 -32.23 -15.13 -22.33
C VAL A 154 -31.66 -16.52 -22.54
N GLU A 155 -32.38 -17.38 -23.28
CA GLU A 155 -31.90 -18.77 -23.48
C GLU A 155 -31.10 -18.97 -24.75
N ASP A 156 -31.12 -17.99 -25.64
CA ASP A 156 -30.24 -18.03 -26.79
C ASP A 156 -28.79 -17.93 -26.28
N ALA A 157 -28.59 -17.17 -25.20
CA ALA A 157 -27.25 -16.86 -24.68
C ALA A 157 -26.37 -18.07 -24.42
N PHE A 158 -25.06 -17.81 -24.27
CA PHE A 158 -24.08 -18.89 -24.15
C PHE A 158 -24.40 -19.85 -23.02
N VAL A 159 -24.57 -19.31 -21.81
CA VAL A 159 -25.13 -20.08 -20.70
C VAL A 159 -26.58 -19.65 -20.50
N PRO A 160 -27.53 -20.55 -20.73
CA PRO A 160 -28.95 -20.19 -20.63
C PRO A 160 -29.31 -19.71 -19.22
N VAL A 161 -29.78 -18.45 -19.12
CA VAL A 161 -30.05 -17.81 -17.83
C VAL A 161 -31.46 -17.22 -17.75
N ILE A 162 -32.03 -17.20 -16.55
CA ILE A 162 -33.15 -16.31 -16.23
C ILE A 162 -32.66 -15.20 -15.31
N LYS A 163 -32.82 -13.94 -15.74
CA LYS A 163 -32.39 -12.80 -14.96
C LYS A 163 -33.59 -12.12 -14.32
N PHE A 164 -33.42 -11.67 -13.07
CA PHE A 164 -34.46 -10.87 -12.41
C PHE A 164 -33.89 -10.13 -11.23
N GLU A 165 -34.74 -9.32 -10.60
CA GLU A 165 -34.37 -8.75 -9.33
C GLU A 165 -35.34 -9.28 -8.31
N PHE A 166 -34.82 -9.69 -7.17
CA PHE A 166 -35.66 -10.22 -6.12
C PHE A 166 -35.43 -9.37 -4.90
N ASP A 167 -36.43 -8.57 -4.53
CA ASP A 167 -36.30 -7.66 -3.41
C ASP A 167 -35.05 -6.81 -3.57
N GLY A 168 -34.74 -6.47 -4.81
CA GLY A 168 -33.65 -5.54 -5.10
C GLY A 168 -32.28 -6.15 -5.31
N ILE A 169 -32.22 -7.47 -5.25
CA ILE A 169 -31.00 -8.18 -5.55
C ILE A 169 -31.05 -8.63 -7.01
N GLU A 170 -30.09 -8.18 -7.81
CA GLU A 170 -30.03 -8.68 -9.17
C GLU A 170 -29.65 -10.13 -9.06
N ILE A 171 -30.41 -11.00 -9.70
CA ILE A 171 -30.06 -12.41 -9.67
C ILE A 171 -29.95 -12.94 -11.10
N ASP A 172 -28.90 -13.72 -11.35
CA ASP A 172 -28.72 -14.38 -12.64
C ASP A 172 -28.81 -15.88 -12.41
N LEU A 173 -30.01 -16.40 -12.57
CA LEU A 173 -30.30 -17.79 -12.22
C LEU A 173 -30.12 -18.72 -13.41
N VAL A 174 -29.35 -19.79 -13.20
CA VAL A 174 -28.95 -20.66 -14.28
C VAL A 174 -29.36 -22.08 -13.91
N PHE A 175 -29.64 -22.90 -14.91
CA PHE A 175 -30.29 -24.17 -14.61
C PHE A 175 -29.47 -25.35 -15.09
N ALA A 176 -29.52 -26.43 -14.32
CA ALA A 176 -28.93 -27.69 -14.75
C ALA A 176 -29.85 -28.86 -14.38
N ARG A 177 -29.90 -29.85 -15.27
CA ARG A 177 -30.66 -31.07 -15.03
C ARG A 177 -29.67 -32.23 -14.91
N LEU A 178 -29.63 -32.85 -13.74
CA LEU A 178 -28.77 -34.03 -13.53
C LEU A 178 -29.56 -35.30 -13.75
N ALA A 179 -28.85 -36.39 -14.04
CA ALA A 179 -29.52 -37.68 -14.20
C ALA A 179 -29.45 -38.48 -12.90
N ILE A 180 -30.06 -37.94 -11.84
CA ILE A 180 -30.25 -38.70 -10.60
C ILE A 180 -31.68 -38.52 -10.17
N GLN A 181 -32.11 -39.33 -9.20
CA GLN A 181 -33.50 -39.32 -8.74
C GLN A 181 -33.78 -38.16 -7.79
N THR A 182 -32.90 -37.97 -6.82
CA THR A 182 -33.05 -36.95 -5.77
C THR A 182 -31.96 -35.89 -5.88
N ILE A 183 -32.08 -34.86 -5.05
CA ILE A 183 -31.01 -33.87 -4.91
C ILE A 183 -30.66 -33.71 -3.42
N SER A 184 -29.73 -34.56 -2.97
CA SER A 184 -29.19 -34.52 -1.61
C SER A 184 -28.81 -33.10 -1.22
N ASP A 185 -29.46 -32.56 -0.19
CA ASP A 185 -29.22 -31.19 0.21
C ASP A 185 -27.75 -30.88 0.45
N ASN A 186 -26.94 -31.92 0.65
CA ASN A 186 -25.48 -31.76 0.59
C ASN A 186 -24.85 -32.43 -0.65
N LEU A 187 -25.29 -31.97 -1.82
CA LEU A 187 -24.73 -32.43 -3.09
C LEU A 187 -23.31 -31.93 -3.24
N ASP A 188 -22.60 -32.51 -4.19
CA ASP A 188 -21.22 -32.14 -4.44
C ASP A 188 -20.91 -32.16 -5.92
N LEU A 189 -20.87 -30.97 -6.52
CA LEU A 189 -20.75 -30.83 -7.96
C LEU A 189 -19.34 -31.08 -8.49
N ARG A 190 -18.37 -31.23 -7.58
CA ARG A 190 -16.99 -31.30 -8.04
C ARG A 190 -16.67 -32.61 -8.75
N ASP A 191 -17.59 -33.57 -8.68
CA ASP A 191 -17.38 -34.86 -9.32
C ASP A 191 -17.48 -34.80 -10.84
N ASP A 192 -16.49 -35.39 -11.52
CA ASP A 192 -16.44 -35.36 -12.98
C ASP A 192 -17.37 -36.39 -13.59
N SER A 193 -17.74 -37.38 -12.79
CA SER A 193 -18.64 -38.43 -13.26
C SER A 193 -20.00 -37.85 -13.61
N ARG A 194 -20.35 -36.74 -12.97
CA ARG A 194 -21.65 -36.12 -13.19
C ARG A 194 -21.81 -35.72 -14.64
N LEU A 195 -20.74 -35.24 -15.25
CA LEU A 195 -20.81 -34.69 -16.60
C LEU A 195 -21.17 -35.73 -17.66
N ARG A 196 -20.82 -36.99 -17.36
CA ARG A 196 -21.10 -38.12 -18.25
C ARG A 196 -22.53 -38.12 -18.79
N SER A 197 -22.65 -38.13 -20.11
CA SER A 197 -23.95 -38.18 -20.77
C SER A 197 -24.83 -37.01 -20.35
N LEU A 198 -24.32 -35.79 -20.49
CA LEU A 198 -25.13 -34.61 -20.22
C LEU A 198 -25.13 -33.68 -21.41
N ASP A 199 -26.25 -33.02 -21.62
CA ASP A 199 -26.44 -32.03 -22.66
C ASP A 199 -25.42 -30.91 -22.48
N ILE A 200 -24.68 -30.57 -23.54
CA ILE A 200 -23.70 -29.48 -23.48
C ILE A 200 -24.26 -28.24 -22.78
N ARG A 201 -25.56 -28.02 -22.94
CA ARG A 201 -26.25 -26.94 -22.25
C ARG A 201 -26.17 -27.16 -20.72
N CYS A 202 -26.42 -28.38 -20.27
CA CYS A 202 -26.37 -28.69 -18.86
C CYS A 202 -24.93 -28.59 -18.31
N ILE A 203 -23.94 -28.89 -19.15
CA ILE A 203 -22.56 -28.90 -18.71
C ILE A 203 -22.03 -27.50 -18.52
N ARG A 204 -22.37 -26.62 -19.46
CA ARG A 204 -21.92 -25.24 -19.36
C ARG A 204 -22.56 -24.57 -18.16
N SER A 205 -23.72 -25.10 -17.78
CA SER A 205 -24.47 -24.58 -16.64
C SER A 205 -23.87 -25.02 -15.30
N LEU A 206 -23.32 -26.22 -15.25
CA LEU A 206 -22.61 -26.65 -14.05
C LEU A 206 -21.26 -25.94 -13.87
N ASN A 207 -20.74 -25.36 -14.95
CA ASN A 207 -19.36 -24.87 -14.97
C ASN A 207 -19.09 -23.77 -13.97
N GLY A 208 -20.03 -22.81 -13.88
CA GLY A 208 -19.97 -21.73 -12.90
C GLY A 208 -19.65 -22.16 -11.47
N CYS A 209 -20.54 -22.95 -10.89
CA CYS A 209 -20.23 -23.51 -9.59
C CYS A 209 -18.92 -24.25 -9.61
N ARG A 210 -18.76 -25.17 -10.54
CA ARG A 210 -17.59 -26.03 -10.52
C ARG A 210 -16.30 -25.23 -10.43
N VAL A 211 -16.20 -24.15 -11.20
CA VAL A 211 -15.00 -23.33 -11.20
C VAL A 211 -14.84 -22.62 -9.88
N THR A 212 -15.90 -21.93 -9.48
CA THR A 212 -15.89 -21.18 -8.23
C THR A 212 -15.48 -22.08 -7.06
N ASP A 213 -16.15 -23.22 -6.89
CA ASP A 213 -15.79 -24.15 -5.84
C ASP A 213 -14.38 -24.71 -5.99
N GLU A 214 -13.89 -24.84 -7.21
CA GLU A 214 -12.55 -25.37 -7.41
C GLU A 214 -11.53 -24.38 -6.86
N ILE A 215 -11.74 -23.10 -7.16
CA ILE A 215 -10.80 -22.08 -6.76
C ILE A 215 -10.69 -22.06 -5.24
N LEU A 216 -11.82 -22.05 -4.55
CA LEU A 216 -11.80 -22.01 -3.10
C LEU A 216 -11.01 -23.17 -2.52
N HIS A 217 -11.00 -24.30 -3.23
CA HIS A 217 -10.33 -25.51 -2.71
C HIS A 217 -8.85 -25.53 -3.04
N LEU A 218 -8.44 -24.72 -4.01
CA LEU A 218 -7.06 -24.73 -4.48
C LEU A 218 -6.22 -23.64 -3.83
N VAL A 219 -6.82 -22.97 -2.85
CA VAL A 219 -6.23 -21.84 -2.16
C VAL A 219 -5.83 -22.27 -0.73
N PRO A 220 -4.60 -21.95 -0.29
CA PRO A 220 -4.20 -22.47 1.01
C PRO A 220 -4.84 -21.76 2.20
N ASN A 221 -5.22 -20.49 2.04
CA ASN A 221 -5.86 -19.75 3.12
C ASN A 221 -6.98 -18.95 2.53
N LYS A 222 -8.21 -19.22 2.98
CA LYS A 222 -9.37 -18.55 2.41
C LYS A 222 -9.51 -17.10 2.89
N GLU A 223 -9.11 -16.83 4.13
CA GLU A 223 -9.25 -15.47 4.65
C GLU A 223 -8.36 -14.51 3.89
N THR A 224 -7.10 -14.89 3.69
CA THR A 224 -6.16 -14.04 2.98
C THR A 224 -6.46 -13.95 1.48
N PHE A 225 -6.96 -15.03 0.90
CA PHE A 225 -7.41 -15.03 -0.48
C PHE A 225 -8.52 -13.97 -0.71
N ARG A 226 -9.58 -14.04 0.09
CA ARG A 226 -10.68 -13.09 -0.02
C ARG A 226 -10.19 -11.66 0.09
N LEU A 227 -9.51 -11.32 1.18
CA LEU A 227 -9.04 -9.96 1.37
C LEU A 227 -8.20 -9.46 0.17
N THR A 228 -7.26 -10.31 -0.27
CA THR A 228 -6.45 -9.97 -1.42
C THR A 228 -7.34 -9.76 -2.65
N LEU A 229 -8.27 -10.69 -2.88
CA LEU A 229 -9.22 -10.56 -4.01
C LEU A 229 -10.01 -9.25 -3.98
N ARG A 230 -10.56 -8.91 -2.82
CA ARG A 230 -11.27 -7.65 -2.68
C ARG A 230 -10.37 -6.48 -3.09
N ALA A 231 -9.13 -6.46 -2.59
CA ALA A 231 -8.20 -5.39 -2.92
C ALA A 231 -7.92 -5.34 -4.42
N VAL A 232 -7.54 -6.48 -4.98
CA VAL A 232 -7.16 -6.54 -6.39
C VAL A 232 -8.30 -6.12 -7.28
N LYS A 233 -9.51 -6.61 -6.98
CA LYS A 233 -10.65 -6.23 -7.80
C LYS A 233 -10.90 -4.73 -7.72
N LEU A 234 -10.81 -4.16 -6.51
CA LEU A 234 -10.94 -2.71 -6.36
C LEU A 234 -9.88 -1.98 -7.20
N TRP A 235 -8.65 -2.47 -7.13
CA TRP A 235 -7.58 -1.90 -7.90
C TRP A 235 -7.93 -1.91 -9.39
N ALA A 236 -8.31 -3.09 -9.90
CA ALA A 236 -8.68 -3.22 -11.31
C ALA A 236 -9.77 -2.24 -11.72
N LYS A 237 -10.84 -2.15 -10.92
CA LYS A 237 -11.94 -1.26 -11.23
C LYS A 237 -11.45 0.18 -11.26
N ARG A 238 -10.80 0.60 -10.17
CA ARG A 238 -10.33 1.96 -10.02
C ARG A 238 -9.35 2.27 -11.15
N ARG A 239 -8.66 1.25 -11.60
CA ARG A 239 -7.60 1.48 -12.54
C ARG A 239 -8.06 1.33 -13.99
N GLY A 240 -9.33 0.98 -14.19
CA GLY A 240 -9.89 0.92 -15.53
C GLY A 240 -9.51 -0.31 -16.35
N ILE A 241 -9.29 -1.43 -15.67
CA ILE A 241 -9.05 -2.67 -16.37
C ILE A 241 -9.97 -3.80 -15.88
N TYR A 242 -11.13 -3.44 -15.32
CA TYR A 242 -12.13 -4.44 -14.95
C TYR A 242 -13.29 -4.41 -15.96
N SER A 243 -13.29 -5.37 -16.88
CA SER A 243 -14.37 -5.59 -17.85
C SER A 243 -14.02 -6.69 -18.83
N ASN A 244 -14.65 -7.86 -18.68
CA ASN A 244 -14.40 -8.91 -19.64
C ASN A 244 -14.89 -8.55 -21.03
N MET A 245 -15.99 -7.82 -21.08
CA MET A 245 -16.66 -7.47 -22.32
C MET A 245 -15.74 -6.66 -23.20
N LEU A 246 -15.21 -5.59 -22.64
CA LEU A 246 -14.43 -4.62 -23.38
C LEU A 246 -12.96 -5.02 -23.49
N GLY A 247 -12.65 -6.28 -23.18
CA GLY A 247 -11.36 -6.85 -23.55
C GLY A 247 -10.35 -6.92 -22.44
N PHE A 248 -10.78 -6.51 -21.25
CA PHE A 248 -9.95 -6.59 -20.06
C PHE A 248 -10.29 -7.88 -19.34
N LEU A 249 -10.21 -7.89 -18.02
CA LEU A 249 -10.49 -9.09 -17.27
C LEU A 249 -11.72 -8.92 -16.39
N GLY A 250 -12.47 -9.99 -16.19
CA GLY A 250 -13.57 -9.95 -15.24
C GLY A 250 -13.28 -10.75 -13.99
N GLY A 251 -14.29 -10.82 -13.14
CA GLY A 251 -14.21 -11.50 -11.86
C GLY A 251 -13.49 -12.83 -11.81
N VAL A 252 -13.84 -13.79 -12.66
CA VAL A 252 -13.24 -15.13 -12.57
C VAL A 252 -11.76 -15.09 -12.90
N SER A 253 -11.39 -14.22 -13.84
CA SER A 253 -10.00 -14.06 -14.18
C SER A 253 -9.20 -13.50 -13.01
N TRP A 254 -9.66 -12.40 -12.41
CA TRP A 254 -8.94 -11.83 -11.28
C TRP A 254 -8.94 -12.82 -10.13
N ALA A 255 -10.02 -13.57 -9.98
CA ALA A 255 -10.11 -14.55 -8.92
C ALA A 255 -9.01 -15.58 -9.13
N MET A 256 -8.82 -15.99 -10.36
CA MET A 256 -7.81 -17.00 -10.64
C MET A 256 -6.36 -16.50 -10.47
N LEU A 257 -6.09 -15.29 -10.91
CA LEU A 257 -4.74 -14.71 -10.73
C LEU A 257 -4.38 -14.57 -9.26
N VAL A 258 -5.31 -14.03 -8.46
CA VAL A 258 -5.10 -13.91 -7.03
C VAL A 258 -4.97 -15.30 -6.39
N ALA A 259 -5.67 -16.29 -6.91
CA ALA A 259 -5.52 -17.62 -6.34
C ALA A 259 -4.15 -18.17 -6.68
N ARG A 260 -3.68 -17.95 -7.90
CA ARG A 260 -2.34 -18.44 -8.24
C ARG A 260 -1.31 -17.79 -7.32
N THR A 261 -1.42 -16.47 -7.13
CA THR A 261 -0.52 -15.76 -6.22
C THR A 261 -0.54 -16.29 -4.80
N CYS A 262 -1.74 -16.61 -4.33
CA CYS A 262 -1.89 -17.21 -3.01
C CYS A 262 -1.16 -18.55 -2.85
N GLN A 263 -1.02 -19.30 -3.94
CA GLN A 263 -0.44 -20.64 -3.81
C GLN A 263 1.05 -20.52 -3.68
N LEU A 264 1.59 -19.44 -4.23
CA LEU A 264 3.03 -19.23 -4.32
C LEU A 264 3.56 -18.66 -3.01
N TYR A 265 2.67 -18.01 -2.28
CA TYR A 265 3.02 -17.43 -1.01
C TYR A 265 1.99 -17.86 0.03
N PRO A 266 1.96 -19.16 0.34
CA PRO A 266 0.87 -19.70 1.17
C PRO A 266 0.73 -19.06 2.53
N ASN A 267 1.70 -18.28 2.97
CA ASN A 267 1.65 -17.77 4.34
C ASN A 267 1.49 -16.26 4.50
N ALA A 268 1.58 -15.51 3.40
CA ALA A 268 1.64 -14.06 3.48
C ALA A 268 0.39 -13.41 4.07
N ALA A 269 0.53 -12.14 4.43
CA ALA A 269 -0.59 -11.30 4.73
C ALA A 269 -1.15 -10.79 3.40
N ALA A 270 -2.38 -10.30 3.43
CA ALA A 270 -3.00 -9.75 2.25
C ALA A 270 -2.10 -8.66 1.69
N SER A 271 -1.61 -7.80 2.58
CA SER A 271 -0.72 -6.71 2.19
C SER A 271 0.42 -7.25 1.35
N THR A 272 1.08 -8.30 1.83
CA THR A 272 2.15 -8.90 1.07
C THR A 272 1.59 -9.52 -0.23
N LEU A 273 0.44 -10.16 -0.14
CA LEU A 273 -0.15 -10.86 -1.27
C LEU A 273 -0.51 -9.90 -2.41
N VAL A 274 -1.02 -8.71 -2.07
CA VAL A 274 -1.26 -7.68 -3.07
C VAL A 274 0.05 -7.25 -3.71
N HIS A 275 1.10 -7.14 -2.91
CA HIS A 275 2.37 -6.78 -3.48
C HIS A 275 2.87 -7.88 -4.40
N LYS A 276 2.87 -9.11 -3.91
CA LYS A 276 3.47 -10.22 -4.62
C LYS A 276 2.73 -10.47 -5.91
N PHE A 277 1.41 -10.28 -5.84
CA PHE A 277 0.55 -10.34 -7.01
C PHE A 277 1.15 -9.52 -8.12
N PHE A 278 1.46 -8.25 -7.85
CA PHE A 278 2.02 -7.39 -8.88
C PHE A 278 3.40 -7.87 -9.31
N LEU A 279 4.21 -8.31 -8.36
CA LEU A 279 5.53 -8.84 -8.66
C LEU A 279 5.40 -9.96 -9.67
N VAL A 280 4.63 -10.98 -9.27
CA VAL A 280 4.41 -12.16 -10.09
C VAL A 280 3.89 -11.82 -11.47
N PHE A 281 2.79 -11.10 -11.56
CA PHE A 281 2.16 -10.92 -12.86
C PHE A 281 2.67 -9.74 -13.67
N SER A 282 3.87 -9.28 -13.35
CA SER A 282 4.53 -8.31 -14.20
C SER A 282 5.80 -8.94 -14.76
N LYS A 283 6.29 -9.96 -14.07
CA LYS A 283 7.35 -10.80 -14.60
C LYS A 283 6.74 -11.75 -15.61
N TRP A 284 5.46 -12.06 -15.47
CA TRP A 284 4.87 -13.24 -16.13
C TRP A 284 5.03 -13.26 -17.66
N GLU A 285 5.59 -14.35 -18.16
CA GLU A 285 5.93 -14.41 -19.56
C GLU A 285 4.75 -14.92 -20.38
N TRP A 286 3.97 -13.98 -20.92
CA TRP A 286 2.81 -14.37 -21.74
C TRP A 286 3.27 -14.94 -23.08
N PRO A 287 2.52 -15.90 -23.64
CA PRO A 287 1.28 -16.48 -23.11
C PRO A 287 1.43 -17.81 -22.37
N ASN A 288 2.42 -17.93 -21.51
CA ASN A 288 2.40 -19.03 -20.57
C ASN A 288 1.06 -19.02 -19.85
N PRO A 289 0.37 -20.15 -19.83
CA PRO A 289 -0.96 -20.08 -19.23
C PRO A 289 -0.92 -20.06 -17.69
N VAL A 290 -1.87 -19.40 -17.03
CA VAL A 290 -1.99 -19.48 -15.58
C VAL A 290 -2.88 -20.66 -15.19
N LEU A 291 -2.25 -21.65 -14.58
CA LEU A 291 -2.95 -22.85 -14.17
C LEU A 291 -2.97 -22.94 -12.65
N LEU A 292 -4.11 -23.38 -12.09
CA LEU A 292 -4.23 -23.53 -10.63
C LEU A 292 -4.01 -24.99 -10.17
N LYS A 293 -4.19 -25.94 -11.08
CA LYS A 293 -3.94 -27.34 -10.77
C LYS A 293 -3.41 -28.08 -12.00
N GLN A 294 -2.83 -29.25 -11.76
CA GLN A 294 -2.34 -30.07 -12.84
C GLN A 294 -3.55 -30.67 -13.51
N PRO A 295 -3.75 -30.37 -14.81
CA PRO A 295 -4.93 -30.93 -15.48
C PRO A 295 -4.82 -32.43 -15.54
N GLU A 296 -5.91 -33.11 -15.22
CA GLU A 296 -6.02 -34.53 -15.48
C GLU A 296 -6.76 -34.72 -16.79
N GLU A 297 -6.60 -35.87 -17.42
CA GLU A 297 -7.46 -36.20 -18.54
C GLU A 297 -8.46 -37.24 -18.09
N SER A 298 -9.58 -37.28 -18.78
CA SER A 298 -10.63 -38.23 -18.48
C SER A 298 -10.98 -39.00 -19.73
N ASN A 299 -11.90 -39.93 -19.59
CA ASN A 299 -12.44 -40.63 -20.74
C ASN A 299 -13.49 -39.75 -21.42
N LEU A 300 -13.74 -38.59 -20.85
CA LEU A 300 -14.89 -37.76 -21.23
C LEU A 300 -14.81 -37.09 -22.60
N ASN A 301 -13.59 -36.83 -23.06
CA ASN A 301 -13.38 -36.35 -24.43
C ASN A 301 -14.16 -35.11 -24.84
N LEU A 302 -14.11 -34.05 -24.03
CA LEU A 302 -14.79 -32.79 -24.35
C LEU A 302 -13.79 -31.76 -24.88
N PRO A 303 -14.26 -30.76 -25.66
CA PRO A 303 -13.37 -29.66 -26.10
C PRO A 303 -12.65 -29.01 -24.92
N VAL A 304 -11.36 -28.71 -25.09
CA VAL A 304 -10.55 -28.22 -23.97
C VAL A 304 -9.53 -27.26 -24.53
N TRP A 305 -9.19 -26.22 -23.78
CA TRP A 305 -8.10 -25.34 -24.20
C TRP A 305 -6.82 -26.14 -24.23
N ASP A 306 -6.14 -26.11 -25.37
CA ASP A 306 -4.87 -26.81 -25.55
C ASP A 306 -4.25 -26.37 -26.86
N PRO A 307 -3.24 -25.50 -26.78
CA PRO A 307 -2.60 -24.98 -27.99
C PRO A 307 -1.81 -26.06 -28.71
N ARG A 308 -1.57 -27.18 -28.03
CA ARG A 308 -0.77 -28.31 -28.52
C ARG A 308 -1.60 -29.23 -29.39
N VAL A 309 -2.85 -28.85 -29.63
CA VAL A 309 -3.76 -29.59 -30.49
C VAL A 309 -4.75 -28.64 -31.17
N ASN A 310 -4.69 -27.36 -30.82
CA ASN A 310 -5.60 -26.35 -31.38
C ASN A 310 -4.88 -25.08 -31.78
N PRO A 311 -4.70 -24.88 -33.07
CA PRO A 311 -3.93 -23.71 -33.46
C PRO A 311 -4.65 -22.42 -33.09
N SER A 312 -5.96 -22.50 -32.89
CA SER A 312 -6.74 -21.33 -32.50
C SER A 312 -6.32 -20.89 -31.08
N ASP A 313 -6.01 -21.87 -30.24
CA ASP A 313 -5.61 -21.58 -28.88
C ASP A 313 -4.23 -20.92 -28.79
N ARG A 314 -3.36 -21.22 -29.75
CA ARG A 314 -2.04 -20.62 -29.76
C ARG A 314 -2.10 -19.10 -29.76
N TYR A 315 -3.20 -18.56 -30.25
CA TYR A 315 -3.26 -17.12 -30.47
C TYR A 315 -3.83 -16.36 -29.28
N HIS A 316 -4.37 -17.07 -28.30
CA HIS A 316 -4.82 -16.41 -27.08
C HIS A 316 -3.64 -15.74 -26.41
N LEU A 317 -3.81 -14.46 -26.06
CA LEU A 317 -2.70 -13.63 -25.65
C LEU A 317 -2.34 -13.69 -24.15
N MET A 318 -3.30 -14.11 -23.33
CA MET A 318 -3.15 -14.02 -21.89
C MET A 318 -3.90 -15.14 -21.18
N PRO A 319 -3.62 -16.39 -21.56
CA PRO A 319 -4.36 -17.55 -21.04
C PRO A 319 -4.46 -17.64 -19.51
N ILE A 320 -5.69 -17.57 -19.00
CA ILE A 320 -5.94 -17.80 -17.58
C ILE A 320 -6.98 -18.93 -17.53
N ILE A 321 -6.51 -20.13 -17.22
CA ILE A 321 -7.28 -21.34 -17.48
C ILE A 321 -8.08 -21.86 -16.30
N THR A 322 -9.37 -21.97 -16.53
CA THR A 322 -10.33 -22.53 -15.60
C THR A 322 -9.92 -23.94 -15.17
N PRO A 323 -9.96 -24.21 -13.87
CA PRO A 323 -9.45 -25.49 -13.34
C PRO A 323 -10.43 -26.68 -13.31
N ALA A 324 -11.73 -26.42 -13.42
CA ALA A 324 -12.72 -27.51 -13.46
C ALA A 324 -12.79 -28.08 -14.85
N TYR A 325 -12.87 -29.40 -14.96
CA TYR A 325 -13.03 -30.03 -16.27
C TYR A 325 -14.39 -29.71 -16.84
N PRO A 326 -14.46 -29.33 -18.13
CA PRO A 326 -13.35 -29.17 -19.07
C PRO A 326 -12.74 -27.76 -19.07
N GLN A 327 -11.43 -27.70 -18.80
CA GLN A 327 -10.69 -26.45 -18.70
C GLN A 327 -10.71 -25.58 -19.95
N GLN A 328 -11.13 -24.33 -19.78
CA GLN A 328 -11.14 -23.35 -20.87
C GLN A 328 -10.40 -22.08 -20.47
N ASN A 329 -9.99 -21.30 -21.45
CA ASN A 329 -9.45 -19.98 -21.18
C ASN A 329 -10.59 -19.02 -20.90
N SER A 330 -10.36 -18.09 -19.97
CA SER A 330 -11.38 -17.14 -19.59
C SER A 330 -11.11 -15.78 -20.18
N THR A 331 -10.00 -15.60 -20.89
CA THR A 331 -9.66 -14.26 -21.38
C THR A 331 -9.55 -14.17 -22.88
N TYR A 332 -10.36 -14.96 -23.57
CA TYR A 332 -10.43 -14.90 -25.01
C TYR A 332 -10.63 -13.47 -25.53
N ASN A 333 -11.34 -12.64 -24.78
CA ASN A 333 -11.63 -11.29 -25.27
C ASN A 333 -10.42 -10.37 -25.32
N VAL A 334 -9.30 -10.78 -24.72
CA VAL A 334 -8.16 -9.89 -24.59
C VAL A 334 -7.44 -9.67 -25.91
N SER A 335 -7.52 -8.45 -26.44
CA SER A 335 -6.72 -8.04 -27.59
C SER A 335 -5.30 -7.70 -27.14
N THR A 336 -4.45 -7.30 -28.09
CA THR A 336 -3.07 -6.99 -27.74
C THR A 336 -2.98 -5.69 -26.97
N SER A 337 -3.76 -4.69 -27.37
CA SER A 337 -3.71 -3.41 -26.69
C SER A 337 -4.07 -3.58 -25.21
N THR A 338 -5.16 -4.28 -24.92
CA THR A 338 -5.56 -4.46 -23.54
C THR A 338 -4.50 -5.27 -22.78
N ARG A 339 -3.84 -6.21 -23.44
CA ARG A 339 -2.80 -6.96 -22.75
C ARG A 339 -1.67 -6.02 -22.42
N THR A 340 -1.31 -5.17 -23.37
CA THR A 340 -0.26 -4.19 -23.18
C THR A 340 -0.60 -3.16 -22.08
N VAL A 341 -1.83 -2.64 -22.09
CA VAL A 341 -2.26 -1.69 -21.04
C VAL A 341 -2.20 -2.33 -19.65
N MET A 342 -2.64 -3.58 -19.55
CA MET A 342 -2.68 -4.24 -18.27
C MET A 342 -1.30 -4.56 -17.75
N VAL A 343 -0.40 -4.92 -18.64
CA VAL A 343 0.95 -5.23 -18.21
C VAL A 343 1.59 -3.99 -17.57
N GLU A 344 1.34 -2.83 -18.17
CA GLU A 344 1.81 -1.59 -17.59
C GLU A 344 1.22 -1.34 -16.19
N GLU A 345 -0.05 -1.71 -16.00
CA GLU A 345 -0.74 -1.49 -14.73
C GLU A 345 -0.17 -2.41 -13.67
N PHE A 346 0.16 -3.60 -14.11
CA PHE A 346 0.77 -4.57 -13.24
C PHE A 346 2.05 -3.97 -12.70
N LYS A 347 2.84 -3.41 -13.60
CA LYS A 347 4.11 -2.87 -13.20
C LYS A 347 3.93 -1.62 -12.29
N GLN A 348 2.95 -0.78 -12.62
CA GLN A 348 2.63 0.35 -11.75
C GLN A 348 2.26 -0.12 -10.34
N GLY A 349 1.57 -1.24 -10.23
CA GLY A 349 1.17 -1.76 -8.94
C GLY A 349 2.41 -2.17 -8.19
N LEU A 350 3.32 -2.81 -8.90
CA LEU A 350 4.55 -3.25 -8.30
C LEU A 350 5.33 -2.04 -7.74
N ALA A 351 5.38 -0.94 -8.49
CA ALA A 351 6.10 0.25 -8.06
C ALA A 351 5.48 0.88 -6.82
N VAL A 352 4.18 1.10 -6.85
CA VAL A 352 3.52 1.70 -5.71
C VAL A 352 3.60 0.79 -4.50
N THR A 353 3.39 -0.50 -4.67
CA THR A 353 3.46 -1.39 -3.51
C THR A 353 4.88 -1.58 -2.95
N ASP A 354 5.90 -1.30 -3.75
CA ASP A 354 7.27 -1.28 -3.25
C ASP A 354 7.34 -0.17 -2.21
N GLU A 355 6.70 0.94 -2.53
CA GLU A 355 6.71 2.11 -1.66
C GLU A 355 5.85 1.81 -0.45
N ILE A 356 4.68 1.23 -0.67
CA ILE A 356 3.74 1.06 0.42
C ILE A 356 4.30 0.17 1.51
N LEU A 357 4.88 -0.98 1.14
CA LEU A 357 5.40 -1.91 2.15
C LEU A 357 6.68 -1.40 2.82
N GLN A 358 7.05 -0.15 2.56
CA GLN A 358 8.21 0.44 3.21
C GLN A 358 7.79 1.64 4.05
N GLY A 359 6.51 1.99 3.97
CA GLY A 359 5.98 3.07 4.77
C GLY A 359 6.12 4.40 4.07
N LYS A 360 6.57 4.37 2.82
CA LYS A 360 6.83 5.61 2.07
C LYS A 360 5.62 6.11 1.28
N SER A 361 4.61 5.26 1.13
CA SER A 361 3.37 5.63 0.43
C SER A 361 2.16 4.93 1.03
N ASP A 362 0.99 5.53 0.83
CA ASP A 362 -0.26 5.00 1.37
C ASP A 362 -0.99 4.18 0.34
N TRP A 363 -1.90 3.33 0.81
CA TRP A 363 -2.66 2.48 -0.08
C TRP A 363 -3.47 3.28 -1.07
N SER A 364 -3.85 4.49 -0.70
CA SER A 364 -4.63 5.32 -1.61
C SER A 364 -3.90 5.56 -2.93
N LYS A 365 -2.56 5.56 -2.89
CA LYS A 365 -1.79 5.85 -4.08
C LYS A 365 -1.93 4.74 -5.10
N LEU A 366 -2.09 3.52 -4.61
CA LEU A 366 -2.37 2.38 -5.45
C LEU A 366 -3.72 2.59 -6.12
N LEU A 367 -4.63 3.23 -5.42
CA LEU A 367 -6.01 3.25 -5.86
C LEU A 367 -6.37 4.49 -6.71
N GLU A 368 -5.44 5.43 -6.86
CA GLU A 368 -5.66 6.61 -7.71
C GLU A 368 -6.08 6.20 -9.09
N PRO A 369 -7.05 6.90 -9.68
CA PRO A 369 -7.41 6.59 -11.06
C PRO A 369 -6.23 6.93 -11.93
N PRO A 370 -6.07 6.25 -13.09
CA PRO A 370 -4.95 6.54 -13.99
C PRO A 370 -5.21 7.79 -14.82
N ASN A 371 -4.16 8.43 -15.32
CA ASN A 371 -4.38 9.63 -16.11
C ASN A 371 -4.84 9.36 -17.56
N PHE A 372 -5.96 8.66 -17.69
CA PHE A 372 -6.47 8.27 -19.00
C PHE A 372 -6.75 9.45 -19.90
N PHE A 373 -7.37 10.50 -19.36
CA PHE A 373 -7.73 11.64 -20.17
C PHE A 373 -6.60 12.64 -20.39
N GLN A 374 -5.36 12.21 -20.16
CA GLN A 374 -4.21 13.04 -20.52
C GLN A 374 -3.07 12.27 -21.14
N LYS A 375 -3.07 10.95 -21.05
CA LYS A 375 -1.87 10.24 -21.44
C LYS A 375 -1.81 10.00 -22.93
N TYR A 376 -2.80 10.48 -23.66
CA TYR A 376 -2.92 10.21 -25.11
C TYR A 376 -3.09 11.47 -25.95
N ARG A 377 -2.50 11.46 -27.13
CA ARG A 377 -2.56 12.62 -28.01
C ARG A 377 -3.89 12.66 -28.74
N HIS A 378 -4.48 11.49 -28.99
CA HIS A 378 -5.75 11.43 -29.70
C HIS A 378 -6.76 10.50 -29.02
N TYR A 379 -8.04 10.79 -29.23
CA TYR A 379 -9.09 9.99 -28.66
C TYR A 379 -10.14 9.71 -29.69
N ILE A 380 -10.98 8.74 -29.36
CA ILE A 380 -12.23 8.59 -30.05
C ILE A 380 -13.35 8.68 -29.01
N VAL A 381 -14.29 9.59 -29.25
CA VAL A 381 -15.50 9.65 -28.45
C VAL A 381 -16.57 8.82 -29.12
N LEU A 382 -16.99 7.77 -28.44
CA LEU A 382 -18.01 6.86 -28.92
C LEU A 382 -19.33 7.24 -28.27
N THR A 383 -20.16 8.02 -28.95
CA THR A 383 -21.42 8.48 -28.35
C THR A 383 -22.56 7.63 -28.85
N ALA A 384 -23.42 7.20 -27.92
CA ALA A 384 -24.56 6.34 -28.24
C ALA A 384 -25.82 6.96 -27.68
N SER A 385 -26.85 7.08 -28.52
CA SER A 385 -28.04 7.79 -28.10
C SER A 385 -29.35 7.02 -28.31
N ALA A 386 -30.32 7.25 -27.43
CA ALA A 386 -31.67 6.74 -27.67
C ALA A 386 -32.78 7.70 -27.23
N SER A 387 -34.00 7.41 -27.69
CA SER A 387 -35.17 8.25 -27.42
C SER A 387 -35.73 8.05 -26.03
N THR A 388 -36.09 6.81 -25.70
CA THR A 388 -36.67 6.47 -24.40
C THR A 388 -35.71 5.67 -23.53
N GLU A 389 -36.06 5.49 -22.25
CA GLU A 389 -35.20 4.78 -21.32
C GLU A 389 -34.99 3.32 -21.71
N GLU A 390 -36.08 2.58 -21.87
CA GLU A 390 -36.01 1.18 -22.31
C GLU A 390 -35.27 1.12 -23.65
N ASN A 391 -35.47 2.16 -24.46
CA ASN A 391 -34.77 2.25 -25.73
C ASN A 391 -33.28 2.40 -25.48
N HIS A 392 -32.91 3.19 -24.49
CA HIS A 392 -31.51 3.43 -24.22
C HIS A 392 -30.81 2.17 -23.74
N LEU A 393 -31.17 1.73 -22.54
CA LEU A 393 -30.58 0.55 -21.91
C LEU A 393 -30.27 -0.58 -22.90
N GLU A 394 -31.19 -0.85 -23.82
CA GLU A 394 -31.06 -1.96 -24.75
C GLU A 394 -29.96 -1.67 -25.76
N TRP A 395 -30.06 -0.50 -26.38
CA TRP A 395 -29.12 -0.03 -27.40
C TRP A 395 -27.69 0.05 -26.86
N VAL A 396 -27.54 0.72 -25.72
CA VAL A 396 -26.28 0.82 -25.00
C VAL A 396 -25.69 -0.57 -24.81
N GLY A 397 -26.58 -1.53 -24.56
CA GLY A 397 -26.19 -2.92 -24.45
C GLY A 397 -25.51 -3.33 -25.73
N LEU A 398 -26.22 -3.15 -26.84
CA LEU A 398 -25.76 -3.61 -28.15
C LEU A 398 -24.42 -2.99 -28.54
N VAL A 399 -24.38 -1.66 -28.50
CA VAL A 399 -23.15 -0.92 -28.75
C VAL A 399 -21.98 -1.45 -27.94
N GLU A 400 -22.14 -1.43 -26.62
CA GLU A 400 -21.06 -1.80 -25.72
C GLU A 400 -20.51 -3.15 -26.07
N SER A 401 -21.38 -4.06 -26.51
CA SER A 401 -20.94 -5.40 -26.87
C SER A 401 -20.20 -5.42 -28.21
N LYS A 402 -20.12 -4.27 -28.88
CA LYS A 402 -19.50 -4.18 -30.21
C LYS A 402 -18.24 -3.31 -30.21
N ILE A 403 -17.96 -2.62 -29.11
CA ILE A 403 -16.81 -1.73 -29.00
C ILE A 403 -15.52 -2.46 -29.28
N ARG A 404 -15.45 -3.71 -28.84
CA ARG A 404 -14.24 -4.51 -29.01
C ARG A 404 -13.91 -4.68 -30.48
N VAL A 405 -14.86 -4.37 -31.35
CA VAL A 405 -14.68 -4.51 -32.78
C VAL A 405 -13.95 -3.30 -33.33
N LEU A 406 -14.39 -2.10 -32.93
CA LEU A 406 -13.72 -0.85 -33.30
C LEU A 406 -12.26 -0.95 -32.90
N VAL A 407 -12.02 -1.37 -31.67
CA VAL A 407 -10.67 -1.59 -31.18
C VAL A 407 -9.94 -2.49 -32.17
N GLY A 408 -10.59 -3.59 -32.54
CA GLY A 408 -10.04 -4.55 -33.48
C GLY A 408 -9.64 -3.89 -34.78
N ASN A 409 -10.55 -3.09 -35.34
CA ASN A 409 -10.27 -2.36 -36.57
C ASN A 409 -9.03 -1.50 -36.37
N LEU A 410 -9.02 -0.76 -35.27
CA LEU A 410 -7.92 0.15 -34.99
C LEU A 410 -6.59 -0.58 -34.81
N GLU A 411 -6.63 -1.79 -34.28
CA GLU A 411 -5.39 -2.52 -34.07
C GLU A 411 -4.79 -3.00 -35.40
N ARG A 412 -5.66 -3.26 -36.39
CA ARG A 412 -5.22 -3.70 -37.71
C ARG A 412 -4.77 -2.53 -38.56
N ASN A 413 -4.98 -1.32 -38.07
CA ASN A 413 -4.48 -0.12 -38.72
C ASN A 413 -2.96 -0.07 -38.69
N GLU A 414 -2.37 0.26 -39.83
CA GLU A 414 -0.94 0.30 -40.02
C GLU A 414 -0.23 1.30 -39.10
N PHE A 415 -0.90 2.42 -38.84
CA PHE A 415 -0.27 3.53 -38.12
C PHE A 415 -0.51 3.50 -36.63
N ILE A 416 -1.40 2.62 -36.19
CA ILE A 416 -1.79 2.62 -34.79
C ILE A 416 -1.03 1.60 -33.95
N THR A 417 -0.59 2.09 -32.80
CA THR A 417 0.29 1.37 -31.90
C THR A 417 -0.49 0.87 -30.70
N LEU A 418 -1.51 1.63 -30.32
CA LEU A 418 -2.34 1.26 -29.18
C LEU A 418 -3.76 1.83 -29.34
N ALA A 419 -4.75 0.99 -29.14
CA ALA A 419 -6.12 1.45 -29.01
C ALA A 419 -6.63 1.07 -27.61
N HIS A 420 -6.77 2.09 -26.76
CA HIS A 420 -7.07 1.91 -25.35
C HIS A 420 -8.49 2.31 -25.00
N VAL A 421 -9.37 1.35 -24.80
CA VAL A 421 -10.70 1.76 -24.38
C VAL A 421 -10.78 1.90 -22.87
N ASN A 422 -11.40 2.98 -22.43
CA ASN A 422 -11.78 3.18 -21.04
C ASN A 422 -13.15 2.57 -20.83
N PRO A 423 -13.22 1.46 -20.09
CA PRO A 423 -14.44 0.65 -19.88
C PRO A 423 -15.51 1.29 -18.98
N GLN A 424 -15.37 2.57 -18.72
CA GLN A 424 -16.37 3.29 -17.94
C GLN A 424 -17.11 4.16 -18.92
N SER A 425 -18.44 3.98 -19.00
CA SER A 425 -19.24 4.87 -19.82
C SER A 425 -19.60 6.05 -18.95
N PHE A 426 -19.95 7.15 -19.58
CA PHE A 426 -20.38 8.32 -18.85
C PHE A 426 -21.67 8.82 -19.47
N PRO A 427 -22.40 9.66 -18.75
CA PRO A 427 -23.57 10.32 -19.33
C PRO A 427 -23.18 11.66 -19.95
N GLY A 428 -24.13 12.37 -20.57
CA GLY A 428 -23.86 13.65 -21.20
C GLY A 428 -24.22 14.86 -20.35
N ASN A 437 -34.05 13.11 -23.69
CA ASN A 437 -32.98 12.46 -24.45
C ASN A 437 -31.98 11.69 -23.57
N TYR A 438 -31.63 10.47 -24.01
CA TYR A 438 -30.70 9.63 -23.25
C TYR A 438 -29.43 9.30 -24.03
N VAL A 439 -28.30 9.43 -23.35
CA VAL A 439 -27.01 9.24 -24.00
C VAL A 439 -25.99 8.51 -23.11
N SER A 440 -24.96 7.97 -23.75
CA SER A 440 -23.80 7.43 -23.06
C SER A 440 -22.58 7.57 -23.96
N MET A 441 -21.41 7.77 -23.37
CA MET A 441 -20.20 7.83 -24.19
C MET A 441 -19.06 6.99 -23.62
N TRP A 442 -18.23 6.51 -24.53
CA TRP A 442 -17.01 5.84 -24.16
C TRP A 442 -15.86 6.58 -24.82
N PHE A 443 -14.65 6.39 -24.32
CA PHE A 443 -13.51 7.10 -24.88
C PHE A 443 -12.44 6.09 -25.19
N LEU A 444 -11.86 6.20 -26.37
CA LEU A 444 -10.69 5.42 -26.70
C LEU A 444 -9.53 6.37 -26.77
N GLY A 445 -8.36 5.94 -26.32
CA GLY A 445 -7.17 6.73 -26.46
C GLY A 445 -6.31 6.05 -27.49
N ILE A 446 -5.59 6.82 -28.30
CA ILE A 446 -4.87 6.23 -29.40
C ILE A 446 -3.43 6.69 -29.44
N ILE A 447 -2.55 5.79 -29.82
CA ILE A 447 -1.16 6.13 -30.08
C ILE A 447 -0.85 5.81 -31.54
N PHE A 448 -0.35 6.80 -32.28
CA PHE A 448 0.22 6.61 -33.61
C PHE A 448 1.73 6.39 -33.59
N ARG A 449 2.29 6.09 -34.75
CA ARG A 449 3.68 5.69 -34.86
C ARG A 449 4.59 6.88 -35.16
N ASP A 460 -5.69 10.20 -40.25
CA ASP A 460 -7.10 10.33 -40.67
C ASP A 460 -7.87 8.99 -40.57
N LEU A 461 -8.50 8.73 -39.42
CA LEU A 461 -9.14 7.43 -39.18
C LEU A 461 -10.66 7.46 -39.19
N THR A 462 -11.22 8.22 -40.11
CA THR A 462 -12.66 8.36 -40.22
C THR A 462 -13.32 7.11 -40.83
N TYR A 463 -12.53 6.31 -41.53
CA TYR A 463 -13.05 5.14 -42.20
C TYR A 463 -12.74 3.84 -41.46
N ASP A 464 -11.95 3.92 -40.39
CA ASP A 464 -11.87 2.79 -39.48
C ASP A 464 -13.10 2.91 -38.63
N ILE A 465 -13.59 4.15 -38.52
CA ILE A 465 -14.71 4.51 -37.68
C ILE A 465 -16.02 4.23 -38.37
N GLN A 466 -16.10 4.67 -39.63
CA GLN A 466 -17.28 4.46 -40.47
C GLN A 466 -17.64 2.99 -40.44
N SER A 467 -16.76 2.16 -41.01
CA SER A 467 -16.93 0.70 -40.97
C SER A 467 -17.37 0.16 -39.60
N PHE A 468 -17.10 0.88 -38.53
CA PHE A 468 -17.54 0.44 -37.23
C PHE A 468 -18.99 0.84 -37.01
N THR A 469 -19.26 2.14 -37.01
CA THR A 469 -20.64 2.66 -36.92
C THR A 469 -21.56 1.96 -37.92
N ASP A 470 -21.09 1.84 -39.17
CA ASP A 470 -21.83 1.07 -40.16
C ASP A 470 -22.10 -0.33 -39.63
N THR A 471 -21.07 -1.03 -39.19
CA THR A 471 -21.22 -2.41 -38.71
C THR A 471 -22.26 -2.55 -37.59
N VAL A 472 -22.42 -1.51 -36.79
CA VAL A 472 -23.28 -1.62 -35.62
C VAL A 472 -24.75 -1.58 -36.01
N TYR A 473 -25.15 -0.54 -36.75
CA TYR A 473 -26.50 -0.47 -37.31
C TYR A 473 -26.81 -1.73 -38.15
N ARG A 474 -25.86 -2.10 -39.01
CA ARG A 474 -26.01 -3.25 -39.89
C ARG A 474 -26.38 -4.52 -39.11
N GLN A 475 -25.73 -4.74 -37.98
CA GLN A 475 -25.99 -5.94 -37.19
C GLN A 475 -27.22 -5.72 -36.33
N ALA A 476 -27.48 -4.46 -35.97
CA ALA A 476 -28.73 -4.12 -35.30
C ALA A 476 -29.92 -4.48 -36.20
N ASN A 477 -29.79 -4.24 -37.50
CA ASN A 477 -30.82 -4.63 -38.47
C ASN A 477 -30.97 -6.14 -38.59
N ASN A 478 -29.86 -6.85 -38.71
CA ASN A 478 -29.91 -8.31 -38.70
C ASN A 478 -30.77 -8.91 -37.58
N ILE A 479 -30.79 -8.30 -36.38
CA ILE A 479 -31.69 -8.79 -35.34
C ILE A 479 -33.01 -8.03 -35.22
N ASN A 480 -33.34 -7.23 -36.24
CA ASN A 480 -34.59 -6.48 -36.26
C ASN A 480 -34.76 -5.69 -34.98
N MET A 481 -33.66 -5.04 -34.59
CA MET A 481 -33.54 -4.47 -33.27
C MET A 481 -33.58 -2.94 -33.33
N LEU A 482 -32.91 -2.38 -34.33
CA LEU A 482 -32.76 -0.93 -34.46
C LEU A 482 -34.08 -0.20 -34.60
N LYS A 483 -34.42 0.55 -33.57
CA LYS A 483 -35.63 1.35 -33.52
C LYS A 483 -35.27 2.82 -33.75
N GLU A 484 -36.19 3.59 -34.29
CA GLU A 484 -35.91 5.00 -34.58
C GLU A 484 -35.54 5.70 -33.29
N GLY A 485 -34.64 6.67 -33.39
CA GLY A 485 -34.22 7.45 -32.23
C GLY A 485 -32.93 6.94 -31.61
N MET A 486 -32.45 5.81 -32.13
CA MET A 486 -31.23 5.19 -31.61
C MET A 486 -30.04 5.51 -32.50
N LYS A 487 -29.28 6.55 -32.13
CA LYS A 487 -28.09 6.90 -32.87
C LYS A 487 -26.79 6.35 -32.23
N ILE A 488 -25.79 6.05 -33.06
CA ILE A 488 -24.43 5.87 -32.59
C ILE A 488 -23.43 6.66 -33.44
N GLU A 489 -22.56 7.40 -32.76
CA GLU A 489 -21.65 8.34 -33.42
C GLU A 489 -20.26 8.29 -32.80
N ALA A 490 -19.23 8.33 -33.65
CA ALA A 490 -17.86 8.23 -33.22
C ALA A 490 -16.94 9.30 -33.85
N THR A 491 -16.52 10.31 -33.09
CA THR A 491 -15.66 11.33 -33.67
C THR A 491 -14.26 11.33 -33.08
N HIS A 492 -13.28 11.41 -33.98
CA HIS A 492 -11.88 11.53 -33.62
C HIS A 492 -11.65 12.91 -33.06
N VAL A 493 -10.99 12.98 -31.91
CA VAL A 493 -10.74 14.26 -31.27
C VAL A 493 -9.30 14.31 -30.81
N LYS A 494 -8.61 15.41 -31.11
CA LYS A 494 -7.28 15.64 -30.55
C LYS A 494 -7.39 15.91 -29.03
N LYS A 495 -6.27 15.84 -28.31
CA LYS A 495 -6.29 16.08 -26.87
C LYS A 495 -6.76 17.49 -26.54
N LYS A 496 -6.25 18.44 -27.32
CA LYS A 496 -6.51 19.85 -27.08
C LYS A 496 -8.01 20.11 -27.10
N GLN A 497 -8.71 19.31 -27.88
CA GLN A 497 -10.13 19.47 -28.09
C GLN A 497 -11.00 18.60 -27.17
N LEU A 498 -10.35 17.82 -26.30
CA LEU A 498 -11.06 16.84 -25.46
C LEU A 498 -12.09 17.45 -24.53
N HIS A 499 -11.74 18.58 -23.94
CA HIS A 499 -12.58 19.20 -22.90
C HIS A 499 -14.01 19.51 -23.33
N HIS A 500 -14.25 19.59 -24.64
CA HIS A 500 -15.60 19.81 -25.15
C HIS A 500 -16.49 18.59 -24.89
N TYR A 501 -15.86 17.45 -24.68
CA TYR A 501 -16.60 16.19 -24.54
C TYR A 501 -16.51 15.67 -23.12
N LEU A 502 -15.46 16.06 -22.42
CA LEU A 502 -15.21 15.60 -21.07
C LEU A 502 -16.39 15.94 -20.16
N PRO A 503 -16.90 14.94 -19.44
CA PRO A 503 -18.16 15.05 -18.70
C PRO A 503 -17.98 15.04 -17.19
N ALA A 504 -18.36 16.12 -16.51
CA ALA A 504 -18.49 16.13 -15.04
C ALA A 504 -17.27 15.67 -14.21
N GLU A 505 -16.48 14.74 -14.76
CA GLU A 505 -15.24 14.25 -14.15
C GLU A 505 -14.10 15.29 -14.27
N ILE A 506 -14.33 16.29 -15.12
CA ILE A 506 -13.48 17.48 -15.20
C ILE A 506 -13.33 18.16 -13.84
N LEU A 507 -12.62 17.52 -12.92
CA LEU A 507 -12.53 18.00 -11.54
C LEU A 507 -11.20 17.60 -10.90
N HIS B 24 4.63 18.71 39.83
CA HIS B 24 5.60 17.89 39.09
C HIS B 24 5.26 17.76 37.59
N TYR B 25 6.03 16.93 36.87
CA TYR B 25 6.01 16.96 35.40
C TYR B 25 5.39 15.78 34.64
N GLY B 26 5.80 14.57 34.96
CA GLY B 26 5.28 13.40 34.24
C GLY B 26 3.81 13.05 34.44
N ILE B 27 3.40 11.88 33.96
CA ILE B 27 2.05 11.37 34.23
C ILE B 27 2.04 10.44 35.45
N THR B 28 3.14 10.41 36.17
CA THR B 28 3.21 9.74 37.47
C THR B 28 4.02 10.62 38.40
N SER B 29 4.07 10.24 39.68
CA SER B 29 4.95 10.89 40.64
C SER B 29 6.37 10.51 40.31
N PRO B 30 7.32 11.34 40.74
CA PRO B 30 8.72 10.92 40.68
C PRO B 30 8.96 9.70 41.56
N ILE B 31 9.94 8.88 41.22
CA ILE B 31 10.21 7.70 42.03
C ILE B 31 11.04 8.06 43.26
N SER B 32 12.07 8.87 43.07
CA SER B 32 12.85 9.39 44.19
C SER B 32 13.08 10.87 44.02
N LEU B 33 12.92 11.61 45.11
CA LEU B 33 13.12 13.06 45.11
C LEU B 33 14.53 13.39 45.54
N ALA B 34 15.34 12.36 45.77
CA ALA B 34 16.73 12.51 46.22
C ALA B 34 17.62 13.55 45.50
N SER B 35 18.22 14.45 46.28
CA SER B 35 19.21 15.40 45.77
C SER B 35 20.56 14.71 45.74
N PRO B 36 21.48 15.21 44.89
CA PRO B 36 22.78 14.54 44.75
C PRO B 36 23.64 14.74 45.99
N LYS B 37 24.43 13.72 46.32
CA LYS B 37 25.42 13.87 47.37
C LYS B 37 26.69 14.39 46.70
N GLU B 38 27.71 14.74 47.48
CA GLU B 38 28.89 15.42 46.92
C GLU B 38 29.68 14.52 45.97
N ILE B 39 29.70 13.22 46.26
CA ILE B 39 30.43 12.29 45.40
C ILE B 39 29.74 12.12 44.04
N ASP B 40 28.42 12.28 44.03
CA ASP B 40 27.67 12.21 42.79
C ASP B 40 28.18 13.27 41.84
N HIS B 41 28.42 14.46 42.36
CA HIS B 41 28.95 15.55 41.55
C HIS B 41 30.31 15.24 40.97
N ILE B 42 31.11 14.46 41.69
CA ILE B 42 32.41 14.06 41.18
C ILE B 42 32.24 13.03 40.04
N TYR B 43 31.23 12.17 40.15
CA TYR B 43 30.98 11.20 39.09
C TYR B 43 30.51 11.88 37.79
N THR B 44 29.67 12.89 37.93
CA THR B 44 29.23 13.67 36.78
C THR B 44 30.42 14.32 36.05
N GLN B 45 31.41 14.77 36.83
CA GLN B 45 32.58 15.40 36.23
C GLN B 45 33.40 14.36 35.47
N LYS B 46 33.47 13.15 36.03
CA LYS B 46 34.18 12.07 35.38
C LYS B 46 33.46 11.59 34.12
N LEU B 47 32.19 11.95 34.00
CA LEU B 47 31.39 11.55 32.84
C LEU B 47 31.70 12.48 31.70
N ILE B 48 31.74 13.77 32.02
CA ILE B 48 32.09 14.80 31.06
C ILE B 48 33.46 14.55 30.45
N ASP B 49 34.41 14.17 31.29
CA ASP B 49 35.76 13.95 30.80
C ASP B 49 35.81 12.75 29.85
N ALA B 50 35.10 11.69 30.21
CA ALA B 50 35.10 10.49 29.40
C ALA B 50 34.46 10.78 28.05
N MET B 51 33.50 11.70 28.07
CA MET B 51 32.81 12.04 26.85
C MET B 51 33.62 12.98 25.97
N LYS B 52 34.41 13.86 26.59
CA LYS B 52 35.14 14.89 25.84
C LYS B 52 35.89 14.41 24.57
N PRO B 53 36.73 13.35 24.67
CA PRO B 53 37.52 12.97 23.49
C PRO B 53 36.70 12.40 22.33
N PHE B 54 35.38 12.40 22.47
CA PHE B 54 34.53 11.85 21.43
C PHE B 54 33.94 12.93 20.55
N GLY B 55 34.27 14.18 20.79
CA GLY B 55 33.79 15.25 19.94
C GLY B 55 32.35 15.61 20.28
N VAL B 56 32.02 15.42 21.54
CA VAL B 56 30.65 15.47 21.97
C VAL B 56 30.20 16.90 22.31
N PHE B 57 31.20 17.77 22.53
CA PHE B 57 31.00 19.17 22.91
C PHE B 57 31.69 20.10 21.93
N GLU B 58 31.07 21.23 21.64
CA GLU B 58 31.63 22.19 20.66
C GLU B 58 32.36 23.37 21.30
N ASP B 59 33.38 23.87 20.59
CA ASP B 59 34.14 25.07 20.98
C ASP B 59 33.21 26.25 21.18
N GLU B 60 33.67 27.24 21.92
CA GLU B 60 33.08 28.55 21.79
C GLU B 60 33.16 29.02 20.33
N GLU B 61 34.30 28.77 19.67
CA GLU B 61 34.43 29.09 18.24
C GLU B 61 33.33 28.42 17.42
N GLU B 62 33.09 27.14 17.71
CA GLU B 62 32.19 26.35 16.89
C GLU B 62 30.75 26.80 17.07
N LEU B 63 30.34 26.99 18.32
CA LEU B 63 28.99 27.47 18.62
C LEU B 63 28.78 28.84 18.03
N ASN B 64 29.80 29.69 18.12
CA ASN B 64 29.72 31.07 17.63
C ASN B 64 29.51 31.12 16.13
N HIS B 65 30.22 30.28 15.40
CA HIS B 65 30.07 30.23 13.95
C HIS B 65 28.61 29.97 13.59
N ARG B 66 28.04 28.93 14.19
CA ARG B 66 26.65 28.60 13.96
C ARG B 66 25.78 29.80 14.23
N LEU B 67 26.08 30.53 15.29
CA LEU B 67 25.27 31.69 15.64
C LEU B 67 25.30 32.69 14.49
N VAL B 68 26.47 32.86 13.91
CA VAL B 68 26.67 33.76 12.79
C VAL B 68 25.89 33.29 11.59
N VAL B 69 26.00 32.00 11.28
CA VAL B 69 25.29 31.41 10.16
C VAL B 69 23.78 31.56 10.31
N LEU B 70 23.27 31.17 11.48
CA LEU B 70 21.85 31.35 11.78
C LEU B 70 21.45 32.82 11.71
N GLY B 71 22.36 33.71 12.09
CA GLY B 71 22.13 35.13 11.91
C GLY B 71 21.78 35.43 10.46
N LYS B 72 22.66 35.06 9.54
CA LYS B 72 22.50 35.35 8.11
C LYS B 72 21.25 34.72 7.49
N LEU B 73 21.01 33.46 7.83
CA LEU B 73 19.84 32.74 7.34
C LEU B 73 18.58 33.51 7.73
N ASN B 74 18.50 33.92 8.99
CA ASN B 74 17.35 34.65 9.50
C ASN B 74 17.18 35.95 8.73
N ASN B 75 18.30 36.55 8.34
CA ASN B 75 18.26 37.82 7.62
C ASN B 75 17.84 37.65 6.17
N LEU B 76 18.23 36.55 5.53
CA LEU B 76 17.78 36.27 4.17
C LEU B 76 16.25 36.11 4.11
N VAL B 77 15.72 35.35 5.06
CA VAL B 77 14.28 35.11 5.13
C VAL B 77 13.50 36.42 5.25
N LYS B 78 13.84 37.26 6.21
CA LYS B 78 13.19 38.57 6.35
C LYS B 78 13.29 39.38 5.05
N GLU B 79 14.44 39.27 4.38
CA GLU B 79 14.73 39.95 3.12
C GLU B 79 13.88 39.35 2.01
N TRP B 80 13.76 38.03 2.01
CA TRP B 80 12.89 37.35 1.05
C TRP B 80 11.41 37.68 1.28
N ILE B 81 10.84 37.16 2.37
CA ILE B 81 9.46 37.41 2.76
C ILE B 81 8.98 38.82 2.44
N SER B 82 9.90 39.77 2.44
CA SER B 82 9.58 41.13 2.03
C SER B 82 9.54 41.30 0.51
N ASP B 83 10.23 40.43 -0.24
CA ASP B 83 10.14 40.44 -1.71
C ASP B 83 8.75 40.02 -2.15
N VAL B 84 8.15 39.10 -1.42
CA VAL B 84 6.83 38.65 -1.78
C VAL B 84 5.82 39.69 -1.31
N SER B 85 6.22 40.52 -0.35
CA SER B 85 5.36 41.62 0.12
C SER B 85 5.08 42.68 -0.96
N GLU B 86 6.14 43.25 -1.51
CA GLU B 86 6.03 44.15 -2.67
C GLU B 86 5.30 43.44 -3.80
N SER B 87 5.68 42.18 -4.06
CA SER B 87 5.19 41.38 -5.17
C SER B 87 3.67 41.06 -5.17
N LYS B 88 3.06 41.03 -3.99
CA LYS B 88 1.62 40.85 -3.91
C LYS B 88 0.96 42.20 -4.09
N ASN B 89 1.73 43.24 -3.75
CA ASN B 89 1.27 44.63 -3.72
C ASN B 89 0.37 44.95 -2.52
N LEU B 90 1.00 45.35 -1.43
CA LEU B 90 0.29 45.82 -0.25
C LEU B 90 0.93 47.15 0.14
N PRO B 91 0.18 48.02 0.87
CA PRO B 91 0.66 49.36 1.24
C PRO B 91 2.01 49.36 1.98
N PRO B 92 2.89 50.33 1.67
CA PRO B 92 4.26 50.38 2.21
C PRO B 92 4.30 50.69 3.71
N SER B 93 3.35 50.14 4.46
CA SER B 93 3.32 50.27 5.90
C SER B 93 3.09 48.88 6.49
N VAL B 94 2.56 47.98 5.67
CA VAL B 94 2.37 46.60 6.06
C VAL B 94 3.55 45.75 5.58
N VAL B 95 4.05 46.07 4.38
CA VAL B 95 5.22 45.42 3.81
C VAL B 95 6.42 45.39 4.77
N ALA B 96 6.72 46.53 5.38
CA ALA B 96 7.87 46.62 6.28
C ALA B 96 7.51 46.38 7.75
N THR B 97 6.39 45.70 7.98
CA THR B 97 6.06 45.20 9.32
C THR B 97 5.86 43.68 9.24
N VAL B 98 5.53 43.21 8.05
CA VAL B 98 5.50 41.78 7.77
C VAL B 98 6.88 41.22 8.06
N GLY B 99 6.95 40.30 9.01
CA GLY B 99 8.22 39.86 9.55
C GLY B 99 8.77 38.59 8.98
N GLY B 100 8.55 37.49 9.70
CA GLY B 100 9.18 36.23 9.38
C GLY B 100 10.22 35.91 10.43
N LYS B 101 10.50 34.62 10.59
CA LYS B 101 11.42 34.16 11.62
C LYS B 101 11.85 32.72 11.36
N ILE B 102 13.08 32.41 11.75
CA ILE B 102 13.61 31.05 11.72
C ILE B 102 13.59 30.46 13.14
N PHE B 103 13.12 29.22 13.28
CA PHE B 103 13.19 28.51 14.55
C PHE B 103 14.09 27.28 14.39
N THR B 104 14.95 26.99 15.37
CA THR B 104 15.69 25.75 15.33
C THR B 104 14.92 24.69 16.10
N PHE B 105 15.13 23.44 15.74
CA PHE B 105 14.56 22.34 16.49
C PHE B 105 15.55 21.20 16.40
N GLY B 106 15.27 20.09 17.06
CA GLY B 106 16.22 18.99 17.05
C GLY B 106 17.43 19.26 17.91
N SER B 107 18.55 18.61 17.58
CA SER B 107 19.73 18.59 18.42
C SER B 107 20.25 19.94 18.80
N TYR B 108 20.46 20.80 17.81
CA TYR B 108 20.91 22.15 18.10
C TYR B 108 19.98 22.80 19.10
N ARG B 109 18.68 22.88 18.79
CA ARG B 109 17.72 23.53 19.69
C ARG B 109 17.77 23.00 21.12
N LEU B 110 17.90 21.68 21.27
CA LEU B 110 17.99 21.05 22.57
C LEU B 110 19.33 21.38 23.25
N GLY B 111 20.35 21.67 22.47
CA GLY B 111 21.66 21.99 23.01
C GLY B 111 22.52 20.80 23.40
N VAL B 112 22.40 19.72 22.63
CA VAL B 112 23.09 18.46 22.91
C VAL B 112 23.78 17.97 21.66
N HIS B 113 23.65 18.74 20.59
CA HIS B 113 24.32 18.43 19.34
C HIS B 113 25.82 18.24 19.51
N THR B 114 26.44 17.48 18.59
CA THR B 114 27.87 17.22 18.67
C THR B 114 28.66 17.99 17.60
N LYS B 115 29.99 17.91 17.65
CA LYS B 115 30.82 18.54 16.64
C LYS B 115 30.46 17.96 15.27
N GLY B 116 30.26 18.83 14.29
CA GLY B 116 29.81 18.40 12.97
C GLY B 116 28.31 18.22 12.77
N ALA B 117 27.53 18.29 13.85
CA ALA B 117 26.09 18.15 13.76
C ALA B 117 25.49 19.17 12.82
N ASP B 118 24.32 18.85 12.27
CA ASP B 118 23.60 19.80 11.43
C ASP B 118 22.55 20.57 12.23
N ILE B 119 21.95 21.60 11.62
CA ILE B 119 20.89 22.31 12.29
C ILE B 119 19.55 22.05 11.61
N ASP B 120 18.59 21.57 12.38
CA ASP B 120 17.22 21.42 11.88
C ASP B 120 16.51 22.75 12.04
N ALA B 121 16.15 23.36 10.93
CA ALA B 121 15.60 24.71 10.97
C ALA B 121 14.23 24.79 10.32
N LEU B 122 13.35 25.58 10.93
CA LEU B 122 12.02 25.81 10.40
C LEU B 122 11.82 27.29 10.10
N CYS B 123 11.55 27.58 8.83
CA CYS B 123 11.21 28.94 8.43
C CYS B 123 9.71 29.11 8.47
N VAL B 124 9.26 30.24 9.00
CA VAL B 124 7.84 30.44 9.20
C VAL B 124 7.39 31.73 8.54
N ALA B 125 6.46 31.61 7.59
CA ALA B 125 6.03 32.76 6.79
C ALA B 125 4.58 33.21 7.09
N PRO B 126 4.29 34.50 6.86
CA PRO B 126 2.96 35.07 7.04
C PRO B 126 1.98 34.56 6.00
N ARG B 127 0.71 34.99 6.10
CA ARG B 127 -0.40 34.43 5.33
C ARG B 127 -0.17 34.36 3.83
N HIS B 128 0.65 35.28 3.34
CA HIS B 128 0.80 35.54 1.92
C HIS B 128 2.09 35.00 1.30
N VAL B 129 2.51 33.81 1.71
CA VAL B 129 3.61 33.15 1.06
C VAL B 129 3.19 31.71 0.95
N GLU B 130 3.33 31.12 -0.23
CA GLU B 130 2.90 29.74 -0.38
C GLU B 130 4.07 28.79 -0.24
N ARG B 131 3.78 27.53 0.03
CA ARG B 131 4.82 26.53 0.13
C ARG B 131 5.55 26.44 -1.20
N SER B 132 4.94 27.03 -2.23
CA SER B 132 5.56 27.12 -3.55
C SER B 132 6.62 28.25 -3.61
N ASP B 133 6.24 29.43 -3.13
CA ASP B 133 7.17 30.57 -3.11
C ASP B 133 8.45 30.23 -2.34
N PHE B 134 8.36 29.29 -1.42
CA PHE B 134 9.52 28.86 -0.65
C PHE B 134 10.41 27.97 -1.50
N PHE B 135 9.80 27.19 -2.38
CA PHE B 135 10.56 26.25 -3.23
C PHE B 135 11.04 26.81 -4.57
N GLN B 136 10.53 27.97 -4.94
CA GLN B 136 11.14 28.69 -6.06
C GLN B 136 11.89 29.93 -5.57
N SER B 137 11.17 31.01 -5.31
CA SER B 137 11.79 32.31 -5.05
C SER B 137 12.72 32.38 -3.84
N PHE B 138 12.50 31.56 -2.83
CA PHE B 138 13.49 31.50 -1.75
C PHE B 138 14.66 30.59 -2.14
N PHE B 139 14.37 29.49 -2.82
CA PHE B 139 15.44 28.61 -3.30
C PHE B 139 16.37 29.38 -4.21
N GLU B 140 15.80 30.30 -4.99
CA GLU B 140 16.58 31.12 -5.89
C GLU B 140 17.38 32.18 -5.16
N LYS B 141 17.00 32.52 -3.94
CA LYS B 141 17.83 33.45 -3.18
C LYS B 141 18.98 32.71 -2.53
N LEU B 142 18.76 31.44 -2.22
CA LEU B 142 19.81 30.61 -1.66
C LEU B 142 20.85 30.27 -2.73
N LYS B 143 20.37 30.16 -3.97
CA LYS B 143 21.25 29.90 -5.11
C LYS B 143 22.34 30.96 -5.24
N HIS B 144 21.96 32.22 -5.00
CA HIS B 144 22.85 33.36 -5.21
C HIS B 144 23.52 33.87 -3.93
N GLN B 145 23.72 33.00 -2.94
CA GLN B 145 24.40 33.44 -1.74
C GLN B 145 25.79 32.84 -1.68
N ASP B 146 26.73 33.62 -1.13
CA ASP B 146 28.15 33.24 -1.13
C ASP B 146 28.44 31.88 -0.49
N GLY B 147 28.12 31.75 0.78
CA GLY B 147 28.53 30.57 1.52
C GLY B 147 27.84 29.26 1.18
N ILE B 148 26.83 29.29 0.31
CA ILE B 148 25.97 28.11 0.09
C ILE B 148 26.59 26.99 -0.74
N ARG B 149 26.40 25.75 -0.31
CA ARG B 149 26.92 24.58 -1.02
C ARG B 149 25.93 23.41 -0.93
N ASN B 150 25.99 22.52 -1.92
CA ASN B 150 25.12 21.35 -1.98
C ASN B 150 23.66 21.74 -1.83
N LEU B 151 23.26 22.80 -2.51
CA LEU B 151 21.92 23.36 -2.38
C LEU B 151 20.91 22.51 -3.12
N ARG B 152 20.40 21.46 -2.49
CA ARG B 152 19.37 20.66 -3.13
C ARG B 152 18.04 20.64 -2.39
N ALA B 153 16.96 20.89 -3.13
CA ALA B 153 15.63 20.85 -2.56
C ALA B 153 15.09 19.44 -2.65
N VAL B 154 14.03 19.19 -1.89
CA VAL B 154 13.31 17.92 -1.88
C VAL B 154 11.92 18.23 -1.33
N GLU B 155 10.88 18.23 -2.16
CA GLU B 155 9.54 18.34 -1.55
C GLU B 155 8.72 17.06 -1.57
N ASP B 156 9.16 16.09 -2.36
CA ASP B 156 8.54 14.78 -2.32
C ASP B 156 9.14 13.94 -1.19
N ALA B 157 9.20 14.54 0.00
CA ALA B 157 9.60 13.83 1.21
C ALA B 157 8.63 14.16 2.34
N PHE B 158 8.72 13.40 3.44
CA PHE B 158 7.73 13.46 4.52
C PHE B 158 7.50 14.89 4.97
N VAL B 159 8.58 15.56 5.30
CA VAL B 159 8.53 16.98 5.59
C VAL B 159 9.38 17.70 4.55
N PRO B 160 8.74 18.37 3.60
CA PRO B 160 9.42 19.14 2.55
C PRO B 160 10.59 19.92 3.12
N VAL B 161 11.75 19.84 2.47
CA VAL B 161 12.97 20.37 3.04
C VAL B 161 13.98 20.82 1.99
N ILE B 162 14.62 21.96 2.24
CA ILE B 162 15.74 22.37 1.42
C ILE B 162 17.01 22.08 2.19
N LYS B 163 17.81 21.14 1.71
CA LYS B 163 19.10 20.85 2.30
C LYS B 163 20.13 21.82 1.71
N PHE B 164 21.16 22.17 2.49
CA PHE B 164 22.32 22.93 2.00
C PHE B 164 23.42 23.13 3.06
N GLU B 165 24.59 23.59 2.62
CA GLU B 165 25.74 23.77 3.49
C GLU B 165 26.19 25.22 3.54
N PHE B 166 25.61 26.00 4.46
CA PHE B 166 25.94 27.40 4.63
C PHE B 166 27.21 27.54 5.45
N ASP B 167 28.24 28.13 4.86
CA ASP B 167 29.51 28.36 5.54
C ASP B 167 30.02 27.15 6.30
N GLY B 168 29.76 25.95 5.79
CA GLY B 168 30.30 24.75 6.40
C GLY B 168 29.30 24.09 7.33
N ILE B 169 28.34 24.89 7.76
CA ILE B 169 27.26 24.41 8.62
C ILE B 169 26.15 23.80 7.77
N GLU B 170 25.83 22.54 8.02
CA GLU B 170 24.77 21.83 7.31
C GLU B 170 23.43 22.25 7.86
N ILE B 171 22.50 22.60 6.96
CA ILE B 171 21.17 23.02 7.38
C ILE B 171 20.11 22.23 6.62
N ASP B 172 19.14 21.69 7.35
CA ASP B 172 17.94 21.08 6.79
C ASP B 172 16.79 22.04 7.10
N LEU B 173 16.37 22.79 6.09
CA LEU B 173 15.43 23.88 6.27
C LEU B 173 14.03 23.45 5.90
N VAL B 174 13.08 23.76 6.77
CA VAL B 174 11.72 23.31 6.58
C VAL B 174 10.72 24.48 6.66
N PHE B 175 9.66 24.43 5.85
CA PHE B 175 8.78 25.59 5.70
C PHE B 175 7.37 25.42 6.24
N ALA B 176 6.81 26.52 6.72
CA ALA B 176 5.42 26.52 7.18
C ALA B 176 4.73 27.86 6.92
N ARG B 177 3.47 27.78 6.48
CA ARG B 177 2.66 28.97 6.24
C ARG B 177 1.71 29.19 7.41
N LEU B 178 1.43 30.44 7.73
CA LEU B 178 0.56 30.74 8.86
C LEU B 178 -0.42 31.87 8.55
N ALA B 179 -1.70 31.66 8.84
CA ALA B 179 -2.73 32.66 8.57
C ALA B 179 -2.59 33.87 9.48
N ILE B 180 -1.54 34.66 9.27
CA ILE B 180 -1.31 35.87 10.06
C ILE B 180 -0.70 36.93 9.14
N GLN B 181 -0.95 38.20 9.45
CA GLN B 181 -0.34 39.30 8.72
C GLN B 181 1.16 39.21 8.84
N THR B 182 1.65 39.30 10.07
CA THR B 182 3.09 39.35 10.33
C THR B 182 3.53 38.31 11.37
N ILE B 183 4.66 37.67 11.10
CA ILE B 183 5.24 36.70 12.02
C ILE B 183 6.02 37.43 13.10
N SER B 184 5.54 37.34 14.34
CA SER B 184 6.10 38.09 15.46
C SER B 184 7.55 37.74 15.80
N ASP B 185 8.05 38.34 16.88
CA ASP B 185 9.40 38.03 17.34
C ASP B 185 9.34 36.78 18.20
N ASN B 186 8.35 36.76 19.08
CA ASN B 186 8.07 35.59 19.87
C ASN B 186 6.73 34.99 19.43
N LEU B 187 6.69 34.57 18.19
CA LEU B 187 5.64 33.68 17.74
C LEU B 187 5.79 32.38 18.55
N ASP B 188 4.74 32.02 19.28
CA ASP B 188 4.76 30.76 20.00
C ASP B 188 4.01 29.71 19.20
N LEU B 189 4.72 28.69 18.73
CA LEU B 189 4.11 27.68 17.87
C LEU B 189 3.42 26.59 18.67
N ARG B 190 3.26 26.81 19.97
CA ARG B 190 2.79 25.73 20.83
C ARG B 190 1.27 25.69 20.91
N ASP B 191 0.66 26.87 20.88
CA ASP B 191 -0.80 26.97 20.90
C ASP B 191 -1.39 26.08 19.81
N ASP B 192 -2.27 25.14 20.19
CA ASP B 192 -2.88 24.23 19.20
C ASP B 192 -3.79 24.94 18.18
N SER B 193 -4.18 26.17 18.49
CA SER B 193 -4.98 26.95 17.56
C SER B 193 -4.27 27.18 16.23
N ARG B 194 -2.93 27.10 16.24
CA ARG B 194 -2.13 27.31 15.04
C ARG B 194 -2.53 26.34 13.94
N LEU B 195 -2.99 25.16 14.33
CA LEU B 195 -3.14 24.06 13.39
C LEU B 195 -4.42 24.09 12.56
N ARG B 196 -5.46 24.70 13.10
CA ARG B 196 -6.77 24.72 12.46
C ARG B 196 -6.70 25.17 11.01
N SER B 197 -7.30 24.37 10.14
CA SER B 197 -7.42 24.68 8.72
C SER B 197 -6.06 24.93 8.07
N LEU B 198 -5.09 24.09 8.40
CA LEU B 198 -3.80 24.19 7.75
C LEU B 198 -3.57 22.95 6.92
N ASP B 199 -2.94 23.13 5.76
CA ASP B 199 -2.53 21.99 4.94
C ASP B 199 -1.67 21.10 5.82
N ILE B 200 -1.83 19.78 5.71
CA ILE B 200 -1.09 18.88 6.59
C ILE B 200 0.43 18.95 6.39
N ARG B 201 0.85 19.41 5.22
CA ARG B 201 2.28 19.67 4.97
C ARG B 201 2.80 20.70 5.96
N CYS B 202 2.11 21.84 6.02
CA CYS B 202 2.40 22.86 7.02
C CYS B 202 2.44 22.27 8.45
N ILE B 203 1.42 21.50 8.81
CA ILE B 203 1.34 20.85 10.12
C ILE B 203 2.53 19.96 10.43
N ARG B 204 2.93 19.15 9.46
CA ARG B 204 4.04 18.23 9.67
C ARG B 204 5.34 18.99 9.74
N SER B 205 5.31 20.23 9.24
CA SER B 205 6.49 21.07 9.25
C SER B 205 6.57 21.85 10.56
N LEU B 206 5.44 22.04 11.21
CA LEU B 206 5.44 22.68 12.51
C LEU B 206 5.82 21.68 13.59
N ASN B 207 5.57 20.40 13.32
CA ASN B 207 5.71 19.36 14.33
C ASN B 207 7.06 19.34 15.05
N GLY B 208 8.14 19.43 14.26
CA GLY B 208 9.49 19.37 14.79
C GLY B 208 9.74 20.39 15.90
N CYS B 209 9.45 21.65 15.60
CA CYS B 209 9.52 22.65 16.66
C CYS B 209 8.58 22.33 17.81
N ARG B 210 7.33 22.02 17.51
CA ARG B 210 6.37 21.80 18.58
C ARG B 210 6.84 20.67 19.52
N VAL B 211 7.32 19.57 18.96
CA VAL B 211 7.90 18.48 19.77
C VAL B 211 9.13 18.93 20.58
N THR B 212 10.13 19.48 19.90
CA THR B 212 11.36 19.93 20.56
C THR B 212 11.08 20.91 21.70
N ASP B 213 10.28 21.96 21.43
CA ASP B 213 9.91 22.91 22.47
C ASP B 213 9.21 22.17 23.62
N GLU B 214 8.41 21.16 23.27
CA GLU B 214 7.59 20.49 24.28
C GLU B 214 8.42 19.64 25.21
N ILE B 215 9.44 18.99 24.66
CA ILE B 215 10.32 18.16 25.46
C ILE B 215 11.05 19.03 26.47
N LEU B 216 11.37 20.26 26.09
CA LEU B 216 12.09 21.14 26.97
C LEU B 216 11.23 21.68 28.11
N HIS B 217 9.91 21.63 27.95
CA HIS B 217 9.05 22.12 29.01
C HIS B 217 8.59 20.99 29.92
N LEU B 218 8.71 19.77 29.45
CA LEU B 218 8.26 18.63 30.23
C LEU B 218 9.38 18.10 31.14
N VAL B 219 10.45 18.87 31.22
CA VAL B 219 11.65 18.44 31.92
C VAL B 219 11.90 19.33 33.14
N PRO B 220 12.01 18.72 34.34
CA PRO B 220 12.22 19.49 35.56
C PRO B 220 13.49 20.36 35.58
N ASN B 221 14.57 19.88 35.01
CA ASN B 221 15.82 20.63 35.00
C ASN B 221 16.46 20.50 33.63
N LYS B 222 16.52 21.61 32.90
CA LYS B 222 17.07 21.57 31.55
C LYS B 222 18.57 21.21 31.55
N GLU B 223 19.30 21.65 32.57
CA GLU B 223 20.74 21.41 32.61
C GLU B 223 21.11 19.94 32.72
N THR B 224 20.56 19.28 33.72
CA THR B 224 20.81 17.85 33.89
C THR B 224 20.24 17.04 32.72
N PHE B 225 19.18 17.55 32.12
CA PHE B 225 18.61 16.90 30.97
C PHE B 225 19.63 16.80 29.84
N ARG B 226 20.15 17.96 29.41
CA ARG B 226 21.06 18.04 28.28
C ARG B 226 22.27 17.16 28.47
N LEU B 227 22.82 17.18 29.66
CA LEU B 227 24.03 16.40 29.89
C LEU B 227 23.71 14.91 29.78
N THR B 228 22.64 14.47 30.43
CA THR B 228 22.26 13.07 30.37
C THR B 228 22.01 12.67 28.94
N LEU B 229 21.36 13.57 28.19
CA LEU B 229 21.03 13.28 26.81
C LEU B 229 22.28 13.07 25.99
N ARG B 230 23.25 13.98 26.11
CA ARG B 230 24.50 13.80 25.38
C ARG B 230 25.13 12.45 25.73
N ALA B 231 25.01 12.06 27.00
CA ALA B 231 25.60 10.80 27.41
C ALA B 231 24.89 9.66 26.68
N VAL B 232 23.56 9.72 26.65
CA VAL B 232 22.76 8.62 26.15
C VAL B 232 22.95 8.41 24.63
N LYS B 233 23.10 9.51 23.89
CA LYS B 233 23.25 9.40 22.44
C LYS B 233 24.64 8.86 22.11
N LEU B 234 25.63 9.40 22.81
CA LEU B 234 27.02 8.95 22.68
C LEU B 234 27.12 7.44 22.91
N TRP B 235 26.44 6.98 23.95
CA TRP B 235 26.40 5.57 24.28
C TRP B 235 25.68 4.78 23.20
N ALA B 236 24.50 5.23 22.78
CA ALA B 236 23.74 4.54 21.74
C ALA B 236 24.51 4.45 20.42
N LYS B 237 25.14 5.55 20.02
CA LYS B 237 25.99 5.53 18.85
C LYS B 237 27.10 4.50 19.06
N ARG B 238 27.75 4.55 20.21
CA ARG B 238 28.83 3.63 20.49
C ARG B 238 28.36 2.16 20.51
N ARG B 239 27.12 1.89 20.89
CA ARG B 239 26.64 0.50 20.83
C ARG B 239 25.86 0.15 19.55
N GLY B 240 25.92 1.02 18.54
CA GLY B 240 25.28 0.73 17.27
C GLY B 240 23.77 0.58 17.30
N ILE B 241 23.10 1.30 18.20
CA ILE B 241 21.65 1.36 18.18
C ILE B 241 21.20 2.79 18.03
N TYR B 242 21.96 3.55 17.25
CA TYR B 242 21.58 4.93 16.95
C TYR B 242 21.34 5.08 15.46
N SER B 243 20.05 5.03 15.09
CA SER B 243 19.58 5.10 13.68
C SER B 243 18.09 4.77 13.58
N ASN B 244 17.26 5.78 13.33
CA ASN B 244 15.82 5.54 13.23
C ASN B 244 15.47 4.75 11.98
N MET B 245 16.21 5.00 10.91
CA MET B 245 15.84 4.43 9.63
C MET B 245 16.17 2.95 9.53
N LEU B 246 17.21 2.53 10.24
CA LEU B 246 17.66 1.14 10.17
C LEU B 246 17.00 0.32 11.24
N GLY B 247 16.06 0.94 11.95
CA GLY B 247 15.21 0.17 12.84
C GLY B 247 15.56 0.27 14.30
N PHE B 248 16.41 1.23 14.63
CA PHE B 248 16.74 1.45 16.03
C PHE B 248 16.09 2.73 16.50
N LEU B 249 16.79 3.51 17.31
CA LEU B 249 16.23 4.77 17.81
C LEU B 249 17.06 5.95 17.34
N GLY B 250 16.36 7.05 17.09
CA GLY B 250 16.98 8.26 16.60
C GLY B 250 16.91 9.36 17.63
N GLY B 251 17.52 10.50 17.32
CA GLY B 251 17.56 11.65 18.19
C GLY B 251 16.31 11.92 19.01
N VAL B 252 15.17 12.12 18.38
CA VAL B 252 13.98 12.48 19.13
C VAL B 252 13.54 11.42 20.08
N SER B 253 13.70 10.16 19.71
CA SER B 253 13.27 9.09 20.60
C SER B 253 14.19 9.05 21.81
N TRP B 254 15.48 9.21 21.56
CA TRP B 254 16.41 9.18 22.67
C TRP B 254 16.10 10.31 23.62
N ALA B 255 15.80 11.48 23.08
CA ALA B 255 15.57 12.64 23.94
C ALA B 255 14.30 12.44 24.79
N MET B 256 13.31 11.79 24.20
CA MET B 256 12.11 11.54 24.94
C MET B 256 12.34 10.53 26.07
N LEU B 257 13.13 9.49 25.80
CA LEU B 257 13.45 8.50 26.83
C LEU B 257 14.21 9.17 27.95
N VAL B 258 15.16 10.04 27.61
CA VAL B 258 15.92 10.70 28.67
C VAL B 258 15.00 11.66 29.42
N ALA B 259 14.11 12.32 28.70
CA ALA B 259 13.19 13.23 29.33
C ALA B 259 12.35 12.46 30.34
N ARG B 260 11.89 11.28 29.96
CA ARG B 260 11.09 10.48 30.88
C ARG B 260 11.87 10.18 32.18
N THR B 261 13.12 9.73 32.02
CA THR B 261 14.00 9.48 33.15
C THR B 261 14.15 10.69 34.05
N CYS B 262 14.26 11.86 33.42
CA CYS B 262 14.36 13.11 34.16
C CYS B 262 13.14 13.43 35.01
N GLN B 263 11.96 13.02 34.55
CA GLN B 263 10.77 13.31 35.31
C GLN B 263 10.70 12.42 36.54
N LEU B 264 11.24 11.22 36.43
CA LEU B 264 11.14 10.25 37.52
C LEU B 264 12.16 10.52 38.60
N TYR B 265 13.24 11.23 38.24
CA TYR B 265 14.29 11.58 39.17
C TYR B 265 14.71 13.01 38.93
N PRO B 266 13.90 13.97 39.39
CA PRO B 266 14.05 15.39 39.01
C PRO B 266 15.14 16.14 39.75
N ASN B 267 15.69 15.56 40.81
CA ASN B 267 16.74 16.23 41.53
C ASN B 267 18.11 15.61 41.31
N ALA B 268 18.14 14.53 40.54
CA ALA B 268 19.37 13.77 40.41
C ALA B 268 20.44 14.52 39.63
N ALA B 269 21.70 14.20 39.88
CA ALA B 269 22.81 14.72 39.11
C ALA B 269 22.87 13.92 37.83
N ALA B 270 23.45 14.49 36.79
CA ALA B 270 23.49 13.80 35.50
C ALA B 270 24.01 12.36 35.62
N SER B 271 25.01 12.17 36.47
CA SER B 271 25.61 10.86 36.60
C SER B 271 24.60 9.85 37.09
N THR B 272 23.77 10.25 38.05
CA THR B 272 22.76 9.29 38.53
C THR B 272 21.64 9.16 37.48
N LEU B 273 21.30 10.25 36.82
CA LEU B 273 20.35 10.17 35.74
C LEU B 273 20.73 9.11 34.70
N VAL B 274 21.98 9.09 34.25
CA VAL B 274 22.36 8.08 33.26
C VAL B 274 22.09 6.68 33.83
N HIS B 275 22.51 6.48 35.07
CA HIS B 275 22.29 5.20 35.71
C HIS B 275 20.79 4.87 35.85
N LYS B 276 20.00 5.84 36.30
CA LYS B 276 18.57 5.61 36.45
C LYS B 276 17.92 5.36 35.10
N PHE B 277 18.46 5.97 34.04
CA PHE B 277 18.00 5.70 32.68
C PHE B 277 18.02 4.20 32.38
N PHE B 278 19.17 3.56 32.59
CA PHE B 278 19.25 2.13 32.36
C PHE B 278 18.40 1.37 33.36
N LEU B 279 18.22 1.93 34.55
CA LEU B 279 17.43 1.26 35.57
C LEU B 279 15.99 1.18 35.11
N VAL B 280 15.44 2.29 34.63
CA VAL B 280 14.04 2.35 34.22
C VAL B 280 13.79 1.55 32.95
N PHE B 281 14.52 1.86 31.88
CA PHE B 281 14.23 1.26 30.58
C PHE B 281 14.76 -0.17 30.33
N SER B 282 15.60 -0.69 31.21
CA SER B 282 15.97 -2.10 31.10
C SER B 282 14.84 -3.00 31.62
N LYS B 283 13.90 -2.41 32.37
CA LYS B 283 12.78 -3.18 32.96
C LYS B 283 11.41 -2.73 32.44
N TRP B 284 11.42 -1.74 31.56
CA TRP B 284 10.21 -1.22 30.93
C TRP B 284 9.44 -2.31 30.18
N GLU B 285 8.17 -2.50 30.55
CA GLU B 285 7.33 -3.50 29.93
C GLU B 285 6.75 -3.06 28.56
N TRP B 286 7.55 -3.21 27.51
CA TRP B 286 7.05 -3.00 26.17
C TRP B 286 5.92 -3.99 25.88
N PRO B 287 4.93 -3.57 25.07
CA PRO B 287 4.87 -2.25 24.44
C PRO B 287 4.03 -1.18 25.16
N ASN B 288 4.17 -1.00 26.46
CA ASN B 288 3.47 0.11 27.11
C ASN B 288 4.08 1.38 26.56
N PRO B 289 3.24 2.32 26.13
CA PRO B 289 3.83 3.52 25.55
C PRO B 289 4.61 4.32 26.58
N VAL B 290 5.65 5.01 26.12
CA VAL B 290 6.35 5.97 26.95
C VAL B 290 5.71 7.29 26.68
N LEU B 291 5.12 7.89 27.72
CA LEU B 291 4.45 9.19 27.58
C LEU B 291 5.07 10.28 28.46
N LEU B 292 5.20 11.48 27.91
CA LEU B 292 5.76 12.60 28.66
C LEU B 292 4.68 13.48 29.28
N LYS B 293 3.45 13.39 28.77
CA LYS B 293 2.33 14.06 29.41
C LYS B 293 1.00 13.43 29.00
N GLN B 294 -0.05 13.74 29.77
CA GLN B 294 -1.38 13.23 29.46
C GLN B 294 -1.89 13.86 28.18
N PRO B 295 -2.14 13.02 27.16
CA PRO B 295 -2.54 13.44 25.82
C PRO B 295 -3.96 13.98 25.82
N GLU B 296 -4.14 15.30 25.79
CA GLU B 296 -5.50 15.84 25.90
C GLU B 296 -6.34 15.56 24.66
N GLU B 297 -7.66 15.67 24.83
CA GLU B 297 -8.59 15.54 23.71
C GLU B 297 -8.68 16.85 22.95
N SER B 298 -8.74 16.76 21.63
CA SER B 298 -8.80 17.94 20.76
C SER B 298 -9.93 17.82 19.74
N ASN B 299 -10.52 18.96 19.38
CA ASN B 299 -11.54 19.00 18.35
C ASN B 299 -10.92 19.09 16.96
N LEU B 300 -9.59 19.20 16.92
CA LEU B 300 -8.86 19.27 15.66
C LEU B 300 -9.00 17.97 14.90
N ASN B 301 -9.18 16.89 15.66
CA ASN B 301 -9.37 15.55 15.13
C ASN B 301 -8.42 15.22 13.97
N LEU B 302 -7.13 15.19 14.28
CA LEU B 302 -6.13 14.72 13.33
C LEU B 302 -5.76 13.29 13.73
N PRO B 303 -5.17 12.52 12.80
CA PRO B 303 -4.68 11.16 13.07
C PRO B 303 -3.71 11.07 14.25
N VAL B 304 -4.08 10.26 15.24
CA VAL B 304 -3.31 10.17 16.47
C VAL B 304 -2.92 8.70 16.75
N TRP B 305 -1.83 8.51 17.50
CA TRP B 305 -1.48 7.19 18.00
C TRP B 305 -2.36 6.87 19.20
N ASP B 306 -3.13 5.80 19.06
CA ASP B 306 -4.14 5.43 20.04
C ASP B 306 -4.63 4.04 19.69
N PRO B 307 -4.13 3.01 20.41
CA PRO B 307 -4.44 1.59 20.18
C PRO B 307 -5.85 1.18 20.55
N ARG B 308 -6.66 2.14 20.97
CA ARG B 308 -7.99 1.86 21.45
C ARG B 308 -9.04 2.30 20.41
N VAL B 309 -8.62 3.13 19.47
CA VAL B 309 -9.50 3.62 18.42
C VAL B 309 -8.91 3.34 17.03
N ASN B 310 -7.73 2.77 16.99
CA ASN B 310 -7.02 2.44 15.77
C ASN B 310 -6.36 1.09 15.98
N PRO B 311 -6.95 0.01 15.45
CA PRO B 311 -6.47 -1.34 15.72
C PRO B 311 -4.98 -1.55 15.37
N SER B 312 -4.48 -0.85 14.36
CA SER B 312 -3.14 -1.14 13.90
C SER B 312 -2.08 -0.63 14.87
N ASP B 313 -2.40 0.41 15.65
CA ASP B 313 -1.45 0.94 16.62
C ASP B 313 -1.09 -0.07 17.70
N ARG B 314 -1.89 -1.11 17.81
CA ARG B 314 -1.59 -2.21 18.74
C ARG B 314 -0.32 -2.95 18.34
N TYR B 315 0.16 -2.74 17.13
CA TYR B 315 1.27 -3.53 16.60
C TYR B 315 2.60 -2.82 16.63
N HIS B 316 2.67 -1.67 17.29
CA HIS B 316 3.98 -1.05 17.48
C HIS B 316 4.64 -1.74 18.67
N LEU B 317 5.93 -2.06 18.57
CA LEU B 317 6.53 -2.93 19.59
C LEU B 317 7.11 -2.18 20.79
N MET B 318 7.52 -0.95 20.57
CA MET B 318 8.33 -0.19 21.50
C MET B 318 7.95 1.28 21.37
N PRO B 319 6.76 1.64 21.85
CA PRO B 319 6.13 2.92 21.53
C PRO B 319 6.67 4.04 22.36
N ILE B 320 7.22 5.07 21.73
CA ILE B 320 7.70 6.23 22.46
C ILE B 320 7.06 7.48 21.90
N ILE B 321 6.11 8.05 22.63
CA ILE B 321 5.19 8.97 22.00
C ILE B 321 5.53 10.47 21.99
N THR B 322 5.60 11.02 20.79
CA THR B 322 5.62 12.45 20.53
C THR B 322 4.52 13.16 21.30
N PRO B 323 4.89 14.19 22.08
CA PRO B 323 4.01 14.77 23.09
C PRO B 323 3.21 16.00 22.64
N ALA B 324 3.55 16.58 21.49
CA ALA B 324 2.80 17.72 20.95
C ALA B 324 1.79 17.22 19.96
N TYR B 325 0.60 17.82 19.94
CA TYR B 325 -0.49 17.35 19.06
C TYR B 325 -0.16 17.51 17.58
N PRO B 326 -0.51 16.51 16.75
CA PRO B 326 -1.12 15.25 17.18
C PRO B 326 -0.07 14.23 17.52
N GLN B 327 -0.23 13.58 18.67
CA GLN B 327 0.73 12.59 19.13
C GLN B 327 0.93 11.46 18.12
N GLN B 328 2.16 10.94 18.08
CA GLN B 328 2.54 9.93 17.11
C GLN B 328 3.59 9.03 17.77
N ASN B 329 3.66 7.77 17.38
CA ASN B 329 4.77 6.98 17.81
C ASN B 329 6.00 7.42 17.03
N SER B 330 7.18 7.34 17.65
CA SER B 330 8.38 7.83 17.01
C SER B 330 9.25 6.69 16.55
N THR B 331 8.88 5.48 16.95
CA THR B 331 9.72 4.31 16.70
C THR B 331 9.02 3.29 15.83
N TYR B 332 8.31 3.75 14.79
CA TYR B 332 7.51 2.90 13.93
C TYR B 332 8.33 1.88 13.11
N ASN B 333 9.65 2.09 13.05
CA ASN B 333 10.51 1.20 12.27
C ASN B 333 11.08 0.08 13.11
N VAL B 334 10.68 0.01 14.37
CA VAL B 334 11.23 -1.03 15.22
C VAL B 334 10.57 -2.38 15.02
N SER B 335 11.37 -3.37 14.67
CA SER B 335 10.93 -4.74 14.57
C SER B 335 11.32 -5.49 15.82
N THR B 336 10.83 -6.72 15.96
CA THR B 336 11.17 -7.52 17.15
C THR B 336 12.66 -7.74 17.29
N SER B 337 13.35 -7.85 16.16
CA SER B 337 14.80 -8.03 16.20
C SER B 337 15.46 -6.86 16.90
N THR B 338 15.41 -5.69 16.27
CA THR B 338 16.08 -4.54 16.86
C THR B 338 15.61 -4.23 18.30
N ARG B 339 14.38 -4.55 18.63
CA ARG B 339 13.93 -4.30 19.99
C ARG B 339 14.67 -5.24 20.93
N THR B 340 14.78 -6.51 20.54
CA THR B 340 15.49 -7.50 21.34
C THR B 340 16.92 -7.04 21.60
N VAL B 341 17.59 -6.63 20.53
CA VAL B 341 18.98 -6.18 20.59
C VAL B 341 19.11 -4.98 21.52
N MET B 342 18.12 -4.11 21.49
CA MET B 342 18.16 -2.93 22.33
C MET B 342 17.86 -3.22 23.80
N VAL B 343 16.93 -4.14 24.07
CA VAL B 343 16.60 -4.45 25.45
C VAL B 343 17.86 -5.01 26.13
N GLU B 344 18.65 -5.75 25.35
CA GLU B 344 19.88 -6.34 25.88
C GLU B 344 20.91 -5.26 26.19
N GLU B 345 20.94 -4.22 25.36
CA GLU B 345 21.91 -3.14 25.55
C GLU B 345 21.56 -2.27 26.75
N PHE B 346 20.28 -2.12 27.03
CA PHE B 346 19.83 -1.37 28.20
C PHE B 346 20.28 -2.10 29.44
N LYS B 347 20.18 -3.43 29.44
CA LYS B 347 20.58 -4.23 30.59
C LYS B 347 22.08 -4.22 30.77
N GLN B 348 22.81 -4.48 29.69
CA GLN B 348 24.25 -4.41 29.76
C GLN B 348 24.72 -3.03 30.22
N GLY B 349 23.95 -2.01 29.89
CA GLY B 349 24.25 -0.66 30.33
C GLY B 349 24.05 -0.47 31.83
N LEU B 350 22.95 -1.01 32.36
CA LEU B 350 22.69 -0.95 33.80
C LEU B 350 23.76 -1.68 34.58
N ALA B 351 24.28 -2.75 33.99
CA ALA B 351 25.25 -3.57 34.69
C ALA B 351 26.47 -2.72 34.89
N VAL B 352 26.86 -2.03 33.81
CA VAL B 352 28.08 -1.23 33.80
C VAL B 352 27.98 0.01 34.69
N THR B 353 26.94 0.83 34.48
CA THR B 353 26.84 2.05 35.26
C THR B 353 26.76 1.73 36.76
N ASP B 354 26.16 0.58 37.08
CA ASP B 354 26.07 0.14 38.47
C ASP B 354 27.46 0.00 39.07
N GLU B 355 28.35 -0.57 38.27
CA GLU B 355 29.73 -0.71 38.69
C GLU B 355 30.36 0.66 38.92
N ILE B 356 30.24 1.55 37.94
CA ILE B 356 30.85 2.88 37.99
C ILE B 356 30.48 3.67 39.23
N LEU B 357 29.21 3.57 39.62
CA LEU B 357 28.70 4.33 40.76
C LEU B 357 29.09 3.72 42.11
N GLN B 358 29.62 2.50 42.09
CA GLN B 358 30.21 1.88 43.28
C GLN B 358 31.74 1.91 43.19
N GLY B 359 32.25 2.84 42.39
CA GLY B 359 33.67 2.94 42.12
C GLY B 359 34.40 1.74 41.55
N LYS B 360 33.67 0.70 41.16
CA LYS B 360 34.31 -0.49 40.62
C LYS B 360 34.81 -0.31 39.19
N SER B 361 34.00 0.30 38.32
CA SER B 361 34.39 0.46 36.93
C SER B 361 34.42 1.94 36.50
N ASP B 362 34.98 2.23 35.33
CA ASP B 362 35.13 3.60 34.86
C ASP B 362 34.11 3.93 33.75
N TRP B 363 33.71 5.19 33.63
CA TRP B 363 32.70 5.57 32.62
C TRP B 363 33.07 5.09 31.24
N SER B 364 34.36 5.13 30.94
CA SER B 364 34.84 4.71 29.63
C SER B 364 34.34 3.32 29.26
N LYS B 365 34.04 2.50 30.27
CA LYS B 365 33.58 1.15 29.99
C LYS B 365 32.23 1.17 29.30
N LEU B 366 31.34 2.08 29.73
CA LEU B 366 30.00 2.24 29.16
C LEU B 366 30.08 2.39 27.66
N LEU B 367 31.17 3.01 27.21
CA LEU B 367 31.33 3.51 25.87
C LEU B 367 32.06 2.58 24.90
N GLU B 368 32.45 1.39 25.37
CA GLU B 368 33.15 0.44 24.53
C GLU B 368 32.23 -0.10 23.45
N PRO B 369 32.75 -0.34 22.25
CA PRO B 369 31.95 -0.99 21.20
C PRO B 369 31.50 -2.38 21.68
N PRO B 370 30.31 -2.82 21.23
CA PRO B 370 29.78 -4.15 21.60
C PRO B 370 30.53 -5.21 20.82
N ASN B 371 30.37 -6.49 21.15
CA ASN B 371 31.05 -7.55 20.40
C ASN B 371 30.21 -8.07 19.23
N PHE B 372 29.94 -7.21 18.25
CA PHE B 372 29.01 -7.54 17.19
C PHE B 372 29.51 -8.69 16.36
N PHE B 373 30.82 -8.76 16.19
CA PHE B 373 31.39 -9.73 15.26
C PHE B 373 31.75 -11.07 15.90
N GLN B 374 31.27 -11.28 17.12
CA GLN B 374 31.33 -12.60 17.74
C GLN B 374 29.98 -12.98 18.30
N LYS B 375 28.99 -12.11 18.10
CA LYS B 375 27.66 -12.37 18.69
C LYS B 375 26.87 -13.37 17.84
N TYR B 376 27.22 -13.52 16.56
CA TYR B 376 26.41 -14.33 15.66
C TYR B 376 27.19 -15.42 14.94
N ARG B 377 26.53 -16.56 14.71
CA ARG B 377 27.14 -17.66 13.97
C ARG B 377 27.17 -17.36 12.48
N HIS B 378 26.07 -16.80 11.97
CA HIS B 378 25.96 -16.49 10.56
C HIS B 378 25.87 -14.99 10.38
N TYR B 379 26.17 -14.54 9.19
CA TYR B 379 26.18 -13.13 8.87
C TYR B 379 25.84 -12.99 7.41
N ILE B 380 25.20 -11.89 7.06
CA ILE B 380 25.11 -11.49 5.66
C ILE B 380 25.92 -10.22 5.47
N VAL B 381 26.79 -10.24 4.47
CA VAL B 381 27.59 -9.08 4.12
C VAL B 381 26.91 -8.42 2.96
N LEU B 382 26.92 -7.10 2.96
CA LEU B 382 26.14 -6.34 2.01
C LEU B 382 27.09 -5.36 1.35
N THR B 383 27.51 -5.65 0.13
CA THR B 383 28.50 -4.83 -0.55
C THR B 383 27.86 -3.86 -1.53
N ALA B 384 28.10 -2.56 -1.36
CA ALA B 384 27.52 -1.56 -2.24
C ALA B 384 28.58 -0.78 -3.01
N SER B 385 28.52 -0.82 -4.33
CA SER B 385 29.61 -0.33 -5.17
C SER B 385 29.20 0.73 -6.20
N ALA B 386 30.19 1.46 -6.69
CA ALA B 386 29.97 2.45 -7.74
C ALA B 386 31.28 2.72 -8.48
N SER B 387 31.31 3.79 -9.28
CA SER B 387 32.51 4.10 -10.07
C SER B 387 33.03 5.51 -9.82
N THR B 388 32.22 6.53 -10.05
CA THR B 388 32.60 7.88 -9.65
C THR B 388 32.44 8.02 -8.14
N GLU B 389 32.51 9.24 -7.64
CA GLU B 389 32.39 9.48 -6.21
C GLU B 389 30.96 9.88 -5.90
N GLU B 390 30.42 10.80 -6.70
CA GLU B 390 29.06 11.30 -6.49
C GLU B 390 28.06 10.18 -6.75
N ASN B 391 28.42 9.27 -7.64
CA ASN B 391 27.64 8.07 -7.83
C ASN B 391 27.57 7.30 -6.52
N HIS B 392 28.73 7.07 -5.91
CA HIS B 392 28.81 6.30 -4.67
C HIS B 392 27.93 6.88 -3.57
N LEU B 393 28.10 8.17 -3.30
CA LEU B 393 27.32 8.83 -2.26
C LEU B 393 25.83 8.68 -2.53
N GLU B 394 25.45 8.88 -3.80
CA GLU B 394 24.07 8.81 -4.22
C GLU B 394 23.54 7.41 -3.99
N TRP B 395 24.36 6.42 -4.35
CA TRP B 395 23.98 5.02 -4.31
C TRP B 395 24.00 4.52 -2.86
N VAL B 396 25.08 4.82 -2.15
CA VAL B 396 25.18 4.52 -0.72
C VAL B 396 23.94 5.02 0.00
N GLY B 397 23.54 6.25 -0.31
CA GLY B 397 22.38 6.87 0.30
C GLY B 397 21.11 6.09 0.08
N LEU B 398 20.86 5.71 -1.17
CA LEU B 398 19.67 4.96 -1.48
C LEU B 398 19.72 3.62 -0.79
N VAL B 399 20.76 2.86 -1.09
CA VAL B 399 20.91 1.51 -0.56
C VAL B 399 20.68 1.47 0.95
N GLU B 400 21.30 2.40 1.67
CA GLU B 400 21.15 2.43 3.11
C GLU B 400 19.70 2.54 3.54
N SER B 401 18.89 3.26 2.78
CA SER B 401 17.53 3.55 3.21
C SER B 401 16.56 2.40 2.92
N LYS B 402 17.12 1.26 2.50
CA LYS B 402 16.31 0.13 2.06
C LYS B 402 16.79 -1.15 2.75
N ILE B 403 17.74 -1.00 3.66
CA ILE B 403 18.37 -2.17 4.24
C ILE B 403 17.35 -2.87 5.12
N ARG B 404 16.49 -2.07 5.72
CA ARG B 404 15.43 -2.57 6.59
C ARG B 404 14.53 -3.55 5.85
N VAL B 405 14.46 -3.41 4.51
CA VAL B 405 13.78 -4.35 3.61
C VAL B 405 14.40 -5.73 3.69
N LEU B 406 15.73 -5.79 3.65
CA LEU B 406 16.46 -7.04 3.80
C LEU B 406 16.31 -7.62 5.21
N VAL B 407 16.10 -6.76 6.20
CA VAL B 407 15.95 -7.27 7.56
C VAL B 407 14.58 -7.91 7.66
N GLY B 408 13.57 -7.16 7.22
CA GLY B 408 12.19 -7.63 7.18
C GLY B 408 12.10 -8.95 6.43
N ASN B 409 12.68 -8.99 5.24
CA ASN B 409 12.70 -10.23 4.47
C ASN B 409 13.17 -11.37 5.34
N LEU B 410 14.35 -11.20 5.92
CA LEU B 410 14.91 -12.20 6.83
C LEU B 410 13.98 -12.51 8.01
N GLU B 411 13.39 -11.49 8.64
CA GLU B 411 12.57 -11.76 9.82
C GLU B 411 11.37 -12.61 9.46
N ARG B 412 10.76 -12.29 8.31
CA ARG B 412 9.59 -12.97 7.78
C ARG B 412 9.91 -14.43 7.50
N ASN B 413 11.19 -14.73 7.27
CA ASN B 413 11.66 -16.09 7.00
C ASN B 413 11.33 -17.12 8.07
N GLU B 414 10.99 -18.31 7.58
CA GLU B 414 10.50 -19.39 8.41
C GLU B 414 11.53 -19.81 9.44
N PHE B 415 12.80 -19.87 9.02
CA PHE B 415 13.89 -20.46 9.79
C PHE B 415 14.69 -19.47 10.67
N ILE B 416 14.37 -18.19 10.55
CA ILE B 416 15.19 -17.11 11.10
C ILE B 416 14.49 -16.44 12.25
N THR B 417 15.20 -16.23 13.34
CA THR B 417 14.59 -15.66 14.53
C THR B 417 14.90 -14.18 14.68
N LEU B 418 16.14 -13.81 14.40
CA LEU B 418 16.56 -12.44 14.57
C LEU B 418 17.50 -12.05 13.45
N ALA B 419 17.31 -10.83 12.97
CA ALA B 419 18.21 -10.21 12.00
C ALA B 419 18.65 -8.86 12.56
N HIS B 420 19.96 -8.68 12.63
CA HIS B 420 20.52 -7.53 13.31
C HIS B 420 21.49 -6.80 12.39
N VAL B 421 21.07 -5.65 11.85
CA VAL B 421 22.00 -4.81 11.09
C VAL B 421 22.93 -4.00 11.95
N ASN B 422 24.17 -3.92 11.52
CA ASN B 422 25.12 -2.99 12.09
C ASN B 422 25.07 -1.67 11.33
N PRO B 423 24.65 -0.60 12.00
CA PRO B 423 24.53 0.71 11.34
C PRO B 423 25.84 1.27 10.82
N GLN B 424 26.96 0.68 11.23
CA GLN B 424 28.26 1.08 10.74
C GLN B 424 28.53 0.65 9.29
N SER B 425 28.80 1.59 8.39
CA SER B 425 29.34 1.16 7.10
C SER B 425 30.85 0.98 7.23
N PHE B 426 31.42 0.16 6.35
CA PHE B 426 32.86 -0.10 6.31
C PHE B 426 33.36 -0.03 4.85
N PRO B 427 34.68 0.16 4.65
CA PRO B 427 35.19 0.16 3.27
C PRO B 427 35.95 -1.12 2.84
N GLY B 428 36.79 -1.03 1.81
CA GLY B 428 37.46 -2.20 1.26
C GLY B 428 38.98 -2.25 1.45
N ASN B 437 36.66 2.12 -8.67
CA ASN B 437 35.91 1.11 -7.92
C ASN B 437 35.74 1.52 -6.44
N TYR B 438 34.61 2.14 -6.13
CA TYR B 438 34.35 2.67 -4.79
C TYR B 438 33.34 1.78 -4.02
N VAL B 439 33.72 1.32 -2.82
CA VAL B 439 32.94 0.30 -2.11
C VAL B 439 32.64 0.61 -0.62
N SER B 440 31.38 0.38 -0.23
CA SER B 440 30.98 0.33 1.19
C SER B 440 30.34 -1.02 1.52
N MET B 441 30.42 -1.43 2.78
CA MET B 441 29.81 -2.68 3.18
C MET B 441 29.13 -2.61 4.54
N TRP B 442 28.15 -3.50 4.72
CA TRP B 442 27.36 -3.56 5.94
C TRP B 442 27.24 -5.00 6.38
N PHE B 443 26.90 -5.19 7.64
CA PHE B 443 26.84 -6.53 8.20
C PHE B 443 25.57 -6.82 8.98
N LEU B 444 24.97 -7.96 8.67
CA LEU B 444 23.80 -8.42 9.40
C LEU B 444 24.12 -9.69 10.14
N GLY B 445 23.79 -9.74 11.42
CA GLY B 445 23.95 -10.98 12.14
C GLY B 445 22.64 -11.73 12.10
N ILE B 446 22.70 -13.05 12.17
CA ILE B 446 21.50 -13.85 12.09
C ILE B 446 21.52 -14.96 13.12
N ILE B 447 20.41 -15.13 13.82
CA ILE B 447 20.19 -16.33 14.61
C ILE B 447 19.22 -17.22 13.81
N PHE B 448 19.43 -18.53 13.84
CA PHE B 448 18.44 -19.45 13.28
C PHE B 448 17.71 -20.15 14.43
N ARG B 449 16.71 -20.98 14.11
CA ARG B 449 16.09 -21.84 15.12
C ARG B 449 16.89 -23.17 15.21
N ASP B 460 19.11 -21.81 4.34
CA ASP B 460 19.43 -21.14 3.07
C ASP B 460 18.82 -19.73 2.88
N LEU B 461 19.61 -18.81 2.32
CA LEU B 461 19.23 -17.39 2.23
C LEU B 461 19.26 -16.76 0.85
N THR B 462 19.34 -17.55 -0.22
CA THR B 462 19.42 -16.95 -1.55
C THR B 462 18.15 -16.18 -1.96
N TYR B 463 16.98 -16.64 -1.50
CA TYR B 463 15.71 -16.01 -1.92
C TYR B 463 15.49 -14.64 -1.27
N ASP B 464 15.81 -14.54 0.02
CA ASP B 464 15.58 -13.28 0.72
C ASP B 464 16.54 -12.23 0.16
N ILE B 465 17.77 -12.66 -0.08
CA ILE B 465 18.76 -11.81 -0.75
C ILE B 465 18.30 -11.29 -2.13
N GLN B 466 17.87 -12.19 -3.02
CA GLN B 466 17.41 -11.80 -4.34
C GLN B 466 16.27 -10.78 -4.26
N SER B 467 15.28 -11.05 -3.41
CA SER B 467 14.15 -10.14 -3.29
C SER B 467 14.65 -8.75 -2.95
N PHE B 468 15.54 -8.69 -1.97
CA PHE B 468 16.14 -7.44 -1.54
C PHE B 468 16.82 -6.72 -2.70
N THR B 469 17.71 -7.41 -3.41
CA THR B 469 18.43 -6.75 -4.49
C THR B 469 17.47 -6.30 -5.59
N ASP B 470 16.50 -7.17 -5.91
CA ASP B 470 15.53 -6.85 -6.93
C ASP B 470 14.77 -5.58 -6.54
N THR B 471 14.37 -5.51 -5.28
CA THR B 471 13.67 -4.32 -4.82
C THR B 471 14.55 -3.09 -5.00
N VAL B 472 15.82 -3.20 -4.61
CA VAL B 472 16.70 -2.04 -4.65
C VAL B 472 16.88 -1.54 -6.08
N TYR B 473 17.16 -2.44 -7.00
CA TYR B 473 17.49 -2.04 -8.36
C TYR B 473 16.25 -1.45 -8.98
N ARG B 474 15.15 -2.16 -8.78
CA ARG B 474 13.86 -1.77 -9.32
C ARG B 474 13.52 -0.36 -8.88
N GLN B 475 13.67 -0.11 -7.58
CA GLN B 475 13.35 1.20 -7.05
C GLN B 475 14.34 2.23 -7.55
N ALA B 476 15.59 1.83 -7.68
CA ALA B 476 16.56 2.75 -8.22
C ALA B 476 16.16 3.13 -9.65
N ASN B 477 15.89 2.14 -10.51
CA ASN B 477 15.46 2.41 -11.89
C ASN B 477 14.26 3.32 -11.97
N ASN B 478 13.27 3.02 -11.13
CA ASN B 478 12.02 3.76 -11.09
C ASN B 478 12.24 5.25 -10.93
N ILE B 479 13.09 5.64 -9.98
CA ILE B 479 13.37 7.05 -9.75
C ILE B 479 14.50 7.62 -10.61
N ASN B 480 14.89 6.88 -11.65
CA ASN B 480 15.81 7.37 -12.67
C ASN B 480 17.12 7.85 -12.10
N MET B 481 17.81 6.95 -11.43
CA MET B 481 18.95 7.29 -10.62
C MET B 481 20.02 6.25 -10.87
N LEU B 482 19.62 5.13 -11.45
CA LEU B 482 20.52 3.99 -11.59
C LEU B 482 21.56 4.17 -12.73
N LYS B 483 22.54 5.04 -12.49
CA LYS B 483 23.68 5.15 -13.38
C LYS B 483 24.38 3.80 -13.34
N GLU B 484 24.79 3.29 -14.49
CA GLU B 484 25.48 2.01 -14.51
C GLU B 484 26.80 2.15 -13.77
N GLY B 485 27.36 1.03 -13.33
CA GLY B 485 28.50 1.05 -12.44
C GLY B 485 28.04 0.70 -11.04
N MET B 486 26.87 1.25 -10.66
CA MET B 486 26.29 1.05 -9.35
C MET B 486 25.84 -0.39 -9.11
N LYS B 487 26.47 -1.06 -8.17
CA LYS B 487 26.22 -2.48 -7.95
C LYS B 487 25.69 -2.72 -6.51
N ILE B 488 24.90 -3.77 -6.34
CA ILE B 488 24.62 -4.23 -4.98
C ILE B 488 24.55 -5.76 -4.88
N GLU B 489 25.51 -6.31 -4.16
CA GLU B 489 25.68 -7.73 -4.02
C GLU B 489 25.46 -7.98 -2.53
N ALA B 490 25.04 -9.18 -2.15
CA ALA B 490 24.91 -9.48 -0.73
C ALA B 490 25.17 -10.94 -0.44
N THR B 491 26.16 -11.20 0.42
CA THR B 491 26.57 -12.58 0.63
C THR B 491 26.37 -13.11 2.06
N HIS B 492 25.74 -14.27 2.14
CA HIS B 492 25.62 -15.01 3.36
C HIS B 492 27.01 -15.62 3.65
N VAL B 493 27.43 -15.59 4.91
CA VAL B 493 28.80 -15.93 5.28
C VAL B 493 28.84 -16.44 6.72
N LYS B 494 29.62 -17.48 7.02
CA LYS B 494 29.74 -17.95 8.40
C LYS B 494 30.78 -17.14 9.19
N LYS B 495 30.75 -17.22 10.51
CA LYS B 495 31.61 -16.38 11.36
C LYS B 495 33.06 -16.46 10.89
N LYS B 496 33.54 -17.69 10.79
CA LYS B 496 34.92 -18.00 10.44
C LYS B 496 35.35 -17.53 9.06
N GLN B 497 34.63 -16.58 8.46
CA GLN B 497 34.95 -16.14 7.11
C GLN B 497 35.06 -14.63 7.03
N LEU B 498 34.68 -13.95 8.11
CA LEU B 498 34.53 -12.51 8.09
C LEU B 498 35.81 -11.80 7.72
N HIS B 499 36.94 -12.40 8.09
CA HIS B 499 38.26 -11.82 7.87
C HIS B 499 38.55 -11.59 6.39
N HIS B 500 37.81 -12.30 5.53
CA HIS B 500 37.89 -12.09 4.09
C HIS B 500 37.50 -10.66 3.73
N TYR B 501 36.89 -9.94 4.68
CA TYR B 501 36.35 -8.61 4.43
C TYR B 501 36.89 -7.51 5.34
N LEU B 502 37.44 -7.87 6.52
CA LEU B 502 37.58 -6.92 7.62
C LEU B 502 38.95 -6.39 8.15
N PRO B 503 39.53 -7.01 9.21
CA PRO B 503 40.46 -6.19 10.01
C PRO B 503 41.79 -5.92 9.30
#